data_3FD5
#
_entry.id   3FD5
#
_cell.length_a   66.734
_cell.length_b   66.734
_cell.length_c   181.168
_cell.angle_alpha   90.00
_cell.angle_beta   90.00
_cell.angle_gamma   90.00
#
_symmetry.space_group_name_H-M   'P 43'
#
loop_
_entity.id
_entity.type
_entity.pdbx_description
1 polymer 'Selenide, water dikinase 1'
2 non-polymer 'PHOSPHOMETHYLPHOSPHONIC ACID ADENOSYL ESTER'
3 non-polymer 'PHOSPHATE ION'
4 non-polymer 'MAGNESIUM ION'
5 non-polymer 'POTASSIUM ION'
6 water water
#
_entity_poly.entity_id   1
_entity_poly.type   'polypeptide(L)'
_entity_poly.pdbx_seq_one_letter_code
;GSMSTRESFNPESYELDKSFRLTRFTELKGTGCKVPQDVLQKLLESLQENHFQEDEQFLGAVMPRLGIGMDTCVIPLRHG
GLSLVQTTDYIYPIVDDPYMMGRIACANVLSDLYAMGVTECDNMLMLLGVSNKMTDRERDKVMPLIIQGFKDAAEEAGTS
VTGGQTVLNPWIVLGGVATTVCQPNEFIMPDNAVPGDVLVLTKPLGTQVAVAVHQWLDIPEKWNKIKLVVTQEDVELAYQ
EAMMNMARLNRTAAGLMHTFNAHAATDITGFGILGHAQNLAKQQRNEVSFVIHNLPVLAKMAAVSKACGNMFGLMHGTCP
ETSGGLLICLPREQAARFCAEIKSPKYGEGHQAWIIGIVEKGNRTARIIDKPRIIEVAPQVATQNVNPTPGATS
;
_entity_poly.pdbx_strand_id   A,B
#
# COMPACT_ATOMS: atom_id res chain seq x y z
N PRO A 11 -21.14 -13.12 15.93
CA PRO A 11 -20.52 -11.90 16.49
C PRO A 11 -20.76 -11.80 17.98
N GLU A 12 -21.97 -12.15 18.42
CA GLU A 12 -22.35 -11.97 19.81
C GLU A 12 -21.31 -12.53 20.78
N SER A 13 -20.41 -13.33 20.25
CA SER A 13 -19.37 -14.00 21.04
C SER A 13 -18.31 -13.02 21.57
N TYR A 14 -18.28 -11.81 21.00
CA TYR A 14 -17.27 -10.82 21.37
C TYR A 14 -17.90 -9.50 21.82
N GLU A 15 -18.92 -9.61 22.67
CA GLU A 15 -19.63 -8.45 23.21
C GLU A 15 -19.96 -7.46 22.10
N LEU A 16 -20.30 -7.99 20.92
CA LEU A 16 -20.68 -7.18 19.76
C LEU A 16 -22.15 -7.39 19.36
N ASP A 17 -22.76 -6.36 18.76
CA ASP A 17 -24.13 -6.41 18.25
C ASP A 17 -24.47 -7.71 17.54
N LYS A 18 -25.65 -8.25 17.80
CA LYS A 18 -26.11 -9.41 17.05
C LYS A 18 -26.11 -9.01 15.59
N SER A 19 -26.19 -7.70 15.37
CA SER A 19 -26.30 -7.14 14.02
C SER A 19 -24.97 -6.59 13.49
N PHE A 20 -23.88 -6.87 14.19
CA PHE A 20 -22.57 -6.46 13.68
C PHE A 20 -22.23 -7.31 12.45
N ARG A 21 -21.94 -6.65 11.34
CA ARG A 21 -21.52 -7.32 10.12
C ARG A 21 -20.23 -6.70 9.58
N LEU A 22 -19.17 -7.49 9.49
CA LEU A 22 -17.91 -6.96 8.98
C LEU A 22 -18.10 -6.31 7.60
N THR A 23 -18.90 -6.94 6.76
CA THR A 23 -19.09 -6.46 5.38
C THR A 23 -19.94 -5.21 5.29
N ARG A 24 -20.48 -4.76 6.43
CA ARG A 24 -21.22 -3.51 6.48
C ARG A 24 -20.30 -2.31 6.14
N PHE A 25 -19.00 -2.51 6.33
CA PHE A 25 -18.01 -1.43 6.25
C PHE A 25 -17.30 -1.33 4.89
N THR A 26 -18.10 -1.48 3.84
CA THR A 26 -17.73 -1.25 2.46
C THR A 26 -19.07 -1.18 1.70
N GLU A 27 -19.02 -1.02 0.38
CA GLU A 27 -20.23 -1.03 -0.42
C GLU A 27 -20.09 -2.10 -1.52
N LEU A 28 -21.01 -3.05 -1.51
CA LEU A 28 -20.99 -4.15 -2.47
C LEU A 28 -21.44 -3.71 -3.86
N LYS A 29 -20.63 -4.04 -4.86
CA LYS A 29 -20.97 -3.83 -6.25
C LYS A 29 -20.70 -5.12 -7.00
N GLY A 30 -21.73 -5.67 -7.64
CA GLY A 30 -21.61 -6.93 -8.33
C GLY A 30 -20.42 -6.96 -9.28
N THR A 31 -20.00 -5.77 -9.69
CA THR A 31 -18.86 -5.61 -10.60
C THR A 31 -17.56 -5.32 -9.84
N GLY A 32 -17.64 -5.34 -8.51
CA GLY A 32 -16.48 -5.16 -7.65
C GLY A 32 -16.06 -3.70 -7.57
N CYS A 33 -14.94 -3.43 -6.89
CA CYS A 33 -14.48 -2.07 -6.70
C CYS A 33 -13.27 -1.60 -7.52
N LYS A 34 -12.59 -2.52 -8.20
CA LYS A 34 -11.43 -2.14 -9.02
C LYS A 34 -11.78 -1.15 -10.13
N VAL A 35 -10.87 -0.24 -10.40
CA VAL A 35 -11.01 0.66 -11.55
C VAL A 35 -10.87 -0.23 -12.78
N PRO A 36 -11.77 -0.03 -13.76
CA PRO A 36 -11.79 -0.94 -14.92
C PRO A 36 -10.45 -1.03 -15.61
N GLN A 37 -10.17 -2.22 -16.12
CA GLN A 37 -8.95 -2.53 -16.84
C GLN A 37 -8.65 -1.47 -17.90
N ASP A 38 -9.71 -1.01 -18.58
CA ASP A 38 -9.58 -0.13 -19.73
C ASP A 38 -9.28 1.30 -19.33
N VAL A 39 -9.84 1.73 -18.21
CA VAL A 39 -9.55 3.05 -17.68
C VAL A 39 -8.13 3.05 -17.16
N LEU A 40 -7.84 2.13 -16.24
CA LEU A 40 -6.53 2.04 -15.62
C LEU A 40 -5.41 2.20 -16.67
N GLN A 41 -5.58 1.62 -17.84
CA GLN A 41 -4.54 1.78 -18.86
C GLN A 41 -4.40 3.23 -19.32
N LYS A 42 -5.52 3.92 -19.49
CA LYS A 42 -5.45 5.34 -19.86
C LYS A 42 -4.80 6.13 -18.73
N LEU A 43 -5.20 5.83 -17.49
CA LEU A 43 -4.68 6.58 -16.33
C LEU A 43 -3.18 6.35 -16.21
N LEU A 44 -2.78 5.09 -16.40
CA LEU A 44 -1.39 4.64 -16.23
C LEU A 44 -0.50 4.76 -17.46
N GLU A 45 -1.04 5.17 -18.60
CA GLU A 45 -0.18 5.23 -19.79
C GLU A 45 0.84 6.38 -19.76
N SER A 46 0.83 7.19 -18.70
CA SER A 46 1.93 8.12 -18.45
C SER A 46 3.19 7.42 -17.89
N LEU A 47 2.95 6.29 -17.24
CA LEU A 47 4.02 5.46 -16.67
C LEU A 47 4.61 4.56 -17.75
N MET A 63 18.98 -11.08 -18.31
CA MET A 63 18.03 -10.93 -17.22
C MET A 63 16.66 -10.43 -17.68
N PRO A 64 15.62 -11.26 -17.53
CA PRO A 64 14.27 -10.85 -17.91
C PRO A 64 13.78 -9.67 -17.04
N ARG A 65 12.88 -8.86 -17.58
CA ARG A 65 12.36 -7.68 -16.90
C ARG A 65 10.86 -7.61 -17.13
N LEU A 66 10.11 -7.48 -16.04
CA LEU A 66 8.66 -7.33 -16.12
C LEU A 66 8.24 -6.04 -15.41
N GLY A 67 7.64 -5.12 -16.16
CA GLY A 67 7.14 -3.84 -15.64
C GLY A 67 5.65 -3.87 -15.31
N ILE A 68 4.96 -2.77 -15.52
CA ILE A 68 3.50 -2.75 -15.32
C ILE A 68 2.80 -3.66 -16.33
N GLY A 69 1.79 -4.40 -15.89
CA GLY A 69 0.96 -5.12 -16.84
C GLY A 69 0.78 -6.61 -16.57
N MET A 70 1.43 -7.10 -15.51
CA MET A 70 1.21 -8.49 -15.06
C MET A 70 0.98 -8.61 -13.55
N ASP A 71 1.42 -9.72 -12.95
CA ASP A 71 1.07 -10.04 -11.57
C ASP A 71 2.10 -9.50 -10.59
N THR A 72 3.37 -9.67 -10.92
CA THR A 72 4.43 -9.02 -10.17
C THR A 72 5.22 -8.07 -11.09
N CYS A 73 6.09 -7.22 -10.52
CA CYS A 73 7.16 -6.68 -11.32
C CYS A 73 8.36 -7.62 -11.19
N VAL A 74 9.29 -7.56 -12.15
CA VAL A 74 10.53 -8.34 -12.15
C VAL A 74 11.67 -7.37 -12.48
N ILE A 75 12.34 -6.89 -11.45
CA ILE A 75 13.33 -5.85 -11.59
C ILE A 75 14.72 -6.47 -11.42
N PRO A 76 15.48 -6.62 -12.51
CA PRO A 76 16.85 -7.11 -12.34
C PRO A 76 17.67 -6.18 -11.44
N LEU A 77 18.42 -6.75 -10.50
CA LEU A 77 19.28 -5.95 -9.63
C LEU A 77 20.75 -6.14 -10.07
N ARG A 78 21.65 -5.35 -9.47
CA ARG A 78 23.10 -5.44 -9.74
C ARG A 78 23.76 -6.65 -9.07
N HIS A 79 23.18 -7.09 -7.96
CA HIS A 79 23.77 -8.14 -7.15
C HIS A 79 23.41 -9.58 -7.54
N GLY A 80 24.45 -10.39 -7.73
CA GLY A 80 24.33 -11.82 -7.89
C GLY A 80 23.41 -12.40 -8.95
N GLY A 81 23.03 -11.61 -9.96
CA GLY A 81 22.08 -12.05 -10.96
C GLY A 81 20.65 -12.10 -10.43
N LEU A 82 20.40 -11.45 -9.29
CA LEU A 82 19.11 -11.51 -8.61
C LEU A 82 18.09 -10.52 -9.19
N SER A 83 16.81 -10.79 -8.94
CA SER A 83 15.72 -9.89 -9.36
C SER A 83 14.74 -9.64 -8.20
N LEU A 84 14.26 -8.40 -8.09
CA LEU A 84 13.28 -8.04 -7.07
C LEU A 84 11.88 -8.30 -7.61
N VAL A 85 11.21 -9.28 -7.02
CA VAL A 85 9.88 -9.65 -7.47
C VAL A 85 8.84 -9.29 -6.39
N GLN A 86 7.99 -8.30 -6.70
CA GLN A 86 7.02 -7.86 -5.72
C GLN A 86 5.63 -7.45 -6.26
N THR A 87 4.70 -7.28 -5.33
CA THR A 87 3.28 -7.16 -5.66
C THR A 87 2.57 -6.50 -4.47
N THR A 88 1.50 -5.76 -4.75
CA THR A 88 0.70 -5.16 -3.68
C THR A 88 -0.78 -5.26 -4.09
N ASP A 89 -1.66 -5.35 -3.11
CA ASP A 89 -3.10 -5.48 -3.35
C ASP A 89 -3.84 -5.05 -2.10
N TYR A 90 -5.09 -4.64 -2.28
CA TYR A 90 -5.97 -4.41 -1.16
C TYR A 90 -7.44 -4.57 -1.58
N ILE A 91 -8.23 -5.01 -0.61
CA ILE A 91 -9.64 -5.30 -0.80
C ILE A 91 -10.39 -4.78 0.44
N TYR A 92 -11.70 -4.91 0.41
CA TYR A 92 -12.54 -4.56 1.56
C TYR A 92 -13.20 -5.85 2.07
N PRO A 93 -13.92 -5.78 3.20
CA PRO A 93 -14.60 -6.99 3.67
C PRO A 93 -15.52 -7.60 2.62
N ILE A 94 -15.53 -8.92 2.60
CA ILE A 94 -16.20 -9.69 1.57
C ILE A 94 -16.85 -10.93 2.25
N VAL A 95 -16.33 -11.29 3.41
CA VAL A 95 -16.88 -12.31 4.29
C VAL A 95 -17.14 -11.70 5.67
N ASP A 96 -18.02 -12.32 6.46
CA ASP A 96 -18.39 -11.77 7.75
C ASP A 96 -17.65 -12.40 8.93
N ASP A 97 -16.59 -13.15 8.61
CA ASP A 97 -15.70 -13.73 9.61
C ASP A 97 -14.36 -12.96 9.60
N PRO A 98 -14.16 -12.06 10.58
CA PRO A 98 -12.96 -11.21 10.58
C PRO A 98 -11.67 -12.00 10.41
N TYR A 99 -11.54 -13.11 11.14
CA TYR A 99 -10.33 -13.93 11.06
C TYR A 99 -10.05 -14.46 9.65
N MET A 100 -11.08 -15.03 9.01
CA MET A 100 -10.97 -15.54 7.64
C MET A 100 -10.75 -14.41 6.65
N MET A 101 -11.26 -13.22 6.97
CA MET A 101 -11.08 -12.08 6.08
C MET A 101 -9.63 -11.62 6.07
N GLY A 102 -8.97 -11.71 7.22
CA GLY A 102 -7.55 -11.43 7.32
C GLY A 102 -6.75 -12.51 6.61
N ARG A 103 -7.21 -13.75 6.75
CA ARG A 103 -6.61 -14.87 6.03
C ARG A 103 -6.70 -14.69 4.53
N ILE A 104 -7.90 -14.36 4.07
CA ILE A 104 -8.12 -14.08 2.66
C ILE A 104 -7.33 -12.86 2.18
N ALA A 105 -7.29 -11.82 3.00
CA ALA A 105 -6.51 -10.61 2.69
C ALA A 105 -5.06 -10.96 2.40
N CYS A 106 -4.48 -11.83 3.22
CA CYS A 106 -3.09 -12.27 3.02
C CYS A 106 -2.94 -13.21 1.82
N ALA A 107 -3.78 -14.25 1.75
CA ALA A 107 -3.69 -15.18 0.64
C ALA A 107 -3.73 -14.41 -0.68
N ASN A 108 -4.53 -13.36 -0.70
CA ASN A 108 -4.72 -12.52 -1.89
C ASN A 108 -3.43 -11.77 -2.38
N VAL A 109 -2.66 -11.23 -1.43
CA VAL A 109 -1.42 -10.52 -1.76
C VAL A 109 -0.34 -11.48 -2.26
N LEU A 110 -0.25 -12.64 -1.64
CA LEU A 110 0.73 -13.65 -2.02
C LEU A 110 0.41 -14.28 -3.37
N SER A 111 -0.88 -14.41 -3.67
CA SER A 111 -1.34 -15.02 -4.93
C SER A 111 -0.54 -14.56 -6.15
N ASP A 112 -0.15 -13.28 -6.16
CA ASP A 112 0.64 -12.71 -7.24
C ASP A 112 2.09 -13.21 -7.32
N LEU A 113 2.72 -13.40 -6.17
CA LEU A 113 3.99 -14.13 -6.15
C LEU A 113 3.77 -15.53 -6.73
N TYR A 114 2.61 -16.12 -6.44
CA TYR A 114 2.38 -17.51 -6.85
C TYR A 114 2.11 -17.63 -8.35
N ALA A 115 1.44 -16.63 -8.91
CA ALA A 115 1.19 -16.58 -10.35
C ALA A 115 2.52 -16.67 -11.11
N MET A 116 3.56 -16.15 -10.47
CA MET A 116 4.88 -16.06 -11.08
C MET A 116 5.70 -17.33 -10.78
N GLY A 117 5.12 -18.23 -9.99
CA GLY A 117 5.77 -19.50 -9.69
C GLY A 117 6.77 -19.31 -8.57
N VAL A 118 6.65 -18.19 -7.85
CA VAL A 118 7.56 -17.88 -6.74
C VAL A 118 6.97 -18.47 -5.45
N THR A 119 7.51 -19.60 -4.99
CA THR A 119 6.93 -20.25 -3.81
C THR A 119 7.37 -19.55 -2.52
N GLU A 120 8.50 -18.83 -2.55
CA GLU A 120 9.00 -18.13 -1.35
C GLU A 120 8.67 -16.66 -1.32
N CYS A 121 8.28 -16.18 -0.14
CA CYS A 121 8.09 -14.77 0.14
C CYS A 121 9.13 -14.30 1.18
N ASP A 122 9.97 -13.33 0.80
CA ASP A 122 11.00 -12.83 1.71
C ASP A 122 10.43 -11.91 2.80
N ASN A 123 9.43 -11.12 2.44
CA ASN A 123 8.82 -10.20 3.41
C ASN A 123 7.42 -9.79 2.99
N MET A 124 6.55 -9.54 3.99
CA MET A 124 5.28 -8.85 3.74
C MET A 124 5.17 -7.53 4.51
N LEU A 125 4.47 -6.56 3.92
CA LEU A 125 3.94 -5.40 4.64
C LEU A 125 2.42 -5.52 4.61
N MET A 126 1.75 -5.01 5.63
CA MET A 126 0.29 -5.01 5.70
C MET A 126 -0.31 -3.63 5.51
N LEU A 127 -1.39 -3.57 4.73
CA LEU A 127 -2.19 -2.36 4.59
C LEU A 127 -3.52 -2.55 5.33
N LEU A 128 -3.83 -1.59 6.18
CA LEU A 128 -5.01 -1.66 6.99
C LEU A 128 -5.69 -0.32 6.92
N GLY A 129 -7.01 -0.32 6.76
CA GLY A 129 -7.80 0.89 6.94
C GLY A 129 -8.85 0.58 7.99
N VAL A 130 -8.82 1.31 9.11
CA VAL A 130 -9.82 1.14 10.18
C VAL A 130 -11.02 2.07 9.93
N SER A 131 -12.20 1.50 9.68
CA SER A 131 -13.35 2.33 9.33
C SER A 131 -13.67 3.32 10.43
N ASN A 132 -13.98 4.56 10.04
CA ASN A 132 -14.39 5.55 11.02
C ASN A 132 -15.85 5.32 11.46
N LYS A 133 -16.57 4.51 10.67
CA LYS A 133 -17.96 4.18 10.99
C LYS A 133 -18.08 3.11 12.08
N MET A 134 -16.98 2.45 12.43
CA MET A 134 -17.05 1.38 13.44
C MET A 134 -16.61 1.91 14.79
N THR A 135 -17.27 1.46 15.85
CA THR A 135 -16.98 1.95 17.20
C THR A 135 -15.61 1.50 17.65
N ASP A 136 -15.02 2.25 18.57
CA ASP A 136 -13.75 1.89 19.17
C ASP A 136 -13.84 0.48 19.75
N ARG A 137 -15.01 0.11 20.25
CA ARG A 137 -15.21 -1.21 20.85
C ARG A 137 -15.15 -2.32 19.80
N GLU A 138 -15.76 -2.07 18.64
CA GLU A 138 -15.77 -3.00 17.52
C GLU A 138 -14.37 -3.09 16.89
N ARG A 139 -13.77 -1.93 16.66
CA ARG A 139 -12.41 -1.84 16.20
C ARG A 139 -11.46 -2.66 17.09
N ASP A 140 -11.67 -2.58 18.40
CA ASP A 140 -10.80 -3.22 19.39
C ASP A 140 -10.98 -4.73 19.47
N LYS A 141 -12.17 -5.20 19.11
CA LYS A 141 -12.44 -6.63 19.09
C LYS A 141 -12.07 -7.25 17.75
N VAL A 142 -12.50 -6.57 16.68
CA VAL A 142 -12.47 -7.09 15.30
C VAL A 142 -11.08 -7.09 14.64
N MET A 143 -10.37 -5.96 14.72
CA MET A 143 -9.07 -5.80 14.03
C MET A 143 -8.00 -6.80 14.47
N PRO A 144 -7.89 -7.09 15.78
CA PRO A 144 -6.92 -8.11 16.22
C PRO A 144 -7.20 -9.46 15.59
N LEU A 145 -8.45 -9.71 15.25
CA LEU A 145 -8.88 -10.94 14.60
C LEU A 145 -8.43 -10.95 13.15
N ILE A 146 -8.61 -9.83 12.49
CA ILE A 146 -8.27 -9.76 11.09
C ILE A 146 -6.77 -9.93 11.00
N ILE A 147 -6.07 -9.18 11.84
CA ILE A 147 -4.62 -9.19 11.88
C ILE A 147 -4.06 -10.58 12.16
N GLN A 148 -4.72 -11.28 13.07
CA GLN A 148 -4.42 -12.65 13.45
C GLN A 148 -4.53 -13.65 12.27
N GLY A 149 -5.58 -13.52 11.47
CA GLY A 149 -5.74 -14.34 10.28
C GLY A 149 -4.64 -14.02 9.29
N PHE A 150 -4.37 -12.74 9.10
CA PHE A 150 -3.29 -12.31 8.23
C PHE A 150 -1.98 -12.95 8.67
N LYS A 151 -1.70 -12.90 9.97
CA LYS A 151 -0.45 -13.45 10.51
C LYS A 151 -0.30 -14.94 10.24
N ASP A 152 -1.39 -15.67 10.45
CA ASP A 152 -1.43 -17.11 10.23
C ASP A 152 -1.23 -17.46 8.75
N ALA A 153 -1.97 -16.77 7.89
CA ALA A 153 -1.79 -16.96 6.45
C ALA A 153 -0.31 -16.79 6.05
N ALA A 154 0.31 -15.71 6.55
CA ALA A 154 1.72 -15.41 6.24
C ALA A 154 2.61 -16.57 6.68
N GLU A 155 2.39 -17.04 7.91
CA GLU A 155 3.21 -18.10 8.46
C GLU A 155 3.07 -19.38 7.63
N GLU A 156 1.84 -19.71 7.27
CA GLU A 156 1.60 -20.84 6.38
C GLU A 156 2.48 -20.73 5.13
N ALA A 157 2.73 -19.50 4.69
CA ALA A 157 3.56 -19.24 3.52
C ALA A 157 5.05 -19.05 3.87
N GLY A 158 5.42 -19.40 5.10
CA GLY A 158 6.78 -19.28 5.59
C GLY A 158 7.34 -17.87 5.64
N THR A 159 6.47 -16.89 5.79
CA THR A 159 6.93 -15.51 5.86
C THR A 159 6.29 -14.80 7.06
N SER A 160 6.51 -13.49 7.20
CA SER A 160 5.89 -12.72 8.28
C SER A 160 5.74 -11.25 7.91
N VAL A 161 5.00 -10.52 8.73
CA VAL A 161 4.73 -9.10 8.48
C VAL A 161 5.62 -8.24 9.38
N THR A 162 6.49 -7.43 8.77
CA THR A 162 7.48 -6.63 9.50
C THR A 162 7.28 -5.12 9.33
N GLY A 163 6.14 -4.74 8.75
CA GLY A 163 5.79 -3.35 8.59
C GLY A 163 4.42 -3.21 7.97
N GLY A 164 3.98 -1.97 7.79
CA GLY A 164 2.73 -1.69 7.13
C GLY A 164 2.29 -0.24 7.31
N GLN A 165 0.99 0.00 7.18
CA GLN A 165 0.41 1.32 7.37
C GLN A 165 -1.00 1.10 7.81
N THR A 166 -1.44 1.81 8.84
CA THR A 166 -2.80 1.69 9.35
C THR A 166 -3.43 3.07 9.51
N VAL A 167 -4.55 3.29 8.82
CA VAL A 167 -5.17 4.60 8.71
C VAL A 167 -6.68 4.47 8.79
N LEU A 168 -7.32 5.48 9.38
CA LEU A 168 -8.77 5.64 9.31
C LEU A 168 -9.23 5.82 7.87
N ASN A 169 -10.37 5.21 7.53
CA ASN A 169 -10.99 5.32 6.20
C ASN A 169 -12.50 5.17 6.40
N PRO A 170 -13.30 5.59 5.41
CA PRO A 170 -14.74 5.33 5.54
C PRO A 170 -15.03 3.82 5.58
N TRP A 171 -14.15 3.01 5.00
CA TRP A 171 -14.29 1.55 5.01
C TRP A 171 -13.14 0.83 5.72
N ILE A 172 -13.34 -0.45 6.00
CA ILE A 172 -12.24 -1.35 6.38
C ILE A 172 -11.48 -1.75 5.12
N VAL A 173 -10.18 -1.48 5.13
CA VAL A 173 -9.32 -1.70 3.97
C VAL A 173 -8.30 -2.75 4.33
N LEU A 174 -8.05 -3.67 3.41
CA LEU A 174 -7.33 -4.91 3.73
C LEU A 174 -6.38 -5.31 2.63
N GLY A 175 -5.10 -5.05 2.82
CA GLY A 175 -4.11 -5.41 1.83
C GLY A 175 -2.73 -5.55 2.40
N GLY A 176 -1.75 -5.45 1.54
CA GLY A 176 -0.38 -5.57 1.98
C GLY A 176 0.49 -5.69 0.77
N VAL A 177 1.73 -6.10 1.00
CA VAL A 177 2.68 -6.24 -0.09
C VAL A 177 3.47 -7.51 0.13
N ALA A 178 3.75 -8.22 -0.97
CA ALA A 178 4.65 -9.37 -0.94
C ALA A 178 5.93 -9.09 -1.75
N THR A 179 7.08 -9.47 -1.18
CA THR A 179 8.40 -9.21 -1.77
C THR A 179 9.33 -10.42 -1.70
N THR A 180 9.94 -10.78 -2.83
CA THR A 180 10.97 -11.80 -2.86
C THR A 180 12.15 -11.32 -3.70
N VAL A 181 13.36 -11.63 -3.26
CA VAL A 181 14.57 -11.31 -3.99
C VAL A 181 15.10 -12.62 -4.59
N CYS A 182 14.98 -12.74 -5.90
CA CYS A 182 14.97 -14.03 -6.57
C CYS A 182 16.20 -14.30 -7.41
N GLN A 183 16.73 -15.51 -7.29
CA GLN A 183 17.59 -16.11 -8.29
C GLN A 183 16.73 -16.44 -9.49
N PRO A 184 17.33 -16.41 -10.69
CA PRO A 184 16.54 -16.58 -11.92
C PRO A 184 15.69 -17.85 -11.95
N ASN A 185 16.14 -18.87 -11.23
CA ASN A 185 15.47 -20.16 -11.25
C ASN A 185 14.09 -20.15 -10.58
N GLU A 186 13.84 -19.14 -9.75
CA GLU A 186 12.69 -19.11 -8.83
C GLU A 186 11.36 -18.70 -9.47
N PHE A 187 11.43 -17.95 -10.56
CA PHE A 187 10.20 -17.51 -11.21
C PHE A 187 10.11 -18.05 -12.63
N ILE A 188 8.90 -18.05 -13.16
CA ILE A 188 8.61 -18.47 -14.52
C ILE A 188 8.04 -17.28 -15.29
N MET A 189 8.78 -16.77 -16.26
CA MET A 189 8.26 -15.65 -17.06
C MET A 189 6.94 -16.09 -17.73
N PRO A 190 5.85 -15.31 -17.54
CA PRO A 190 4.50 -15.67 -17.97
C PRO A 190 4.20 -15.38 -19.44
N ASP A 191 5.12 -15.76 -20.32
CA ASP A 191 5.06 -15.31 -21.72
C ASP A 191 5.50 -16.40 -22.71
N ASN A 192 5.57 -17.64 -22.23
CA ASN A 192 6.21 -18.72 -22.97
C ASN A 192 5.23 -19.76 -23.52
N ALA A 193 3.94 -19.42 -23.56
CA ALA A 193 2.95 -20.37 -24.07
C ALA A 193 3.07 -20.65 -25.58
N VAL A 194 2.68 -21.85 -25.98
CA VAL A 194 2.67 -22.25 -27.40
C VAL A 194 1.37 -23.00 -27.76
N PRO A 195 1.01 -23.03 -29.07
CA PRO A 195 -0.19 -23.77 -29.50
C PRO A 195 -0.18 -25.22 -29.00
N GLY A 196 -1.35 -25.72 -28.64
CA GLY A 196 -1.44 -27.04 -28.05
C GLY A 196 -1.31 -27.11 -26.53
N ASP A 197 -0.74 -26.09 -25.89
CA ASP A 197 -0.77 -26.03 -24.42
C ASP A 197 -2.22 -26.04 -24.00
N VAL A 198 -2.47 -26.44 -22.76
CA VAL A 198 -3.82 -26.39 -22.21
C VAL A 198 -3.84 -25.46 -21.00
N LEU A 199 -5.03 -24.98 -20.67
CA LEU A 199 -5.19 -24.05 -19.57
C LEU A 199 -5.82 -24.78 -18.41
N VAL A 200 -5.15 -24.79 -17.27
CA VAL A 200 -5.75 -25.38 -16.08
C VAL A 200 -6.06 -24.26 -15.10
N LEU A 201 -7.14 -24.43 -14.35
CA LEU A 201 -7.58 -23.48 -13.35
C LEU A 201 -7.62 -24.23 -12.01
N THR A 202 -7.02 -23.65 -10.97
CA THR A 202 -6.81 -24.36 -9.70
C THR A 202 -7.83 -24.12 -8.57
N LYS A 203 -8.73 -23.15 -8.76
CA LYS A 203 -9.85 -22.89 -7.85
C LYS A 203 -11.10 -22.58 -8.66
N PRO A 204 -12.27 -23.06 -8.20
CA PRO A 204 -13.52 -22.82 -8.90
C PRO A 204 -13.91 -21.32 -8.91
N LEU A 205 -14.83 -20.96 -9.79
CA LEU A 205 -15.27 -19.57 -9.91
C LEU A 205 -16.60 -19.33 -9.18
N GLY A 206 -16.96 -18.06 -9.02
CA GLY A 206 -18.23 -17.68 -8.42
C GLY A 206 -18.19 -16.93 -7.10
N THR A 207 -16.98 -16.64 -6.60
CA THR A 207 -16.83 -15.97 -5.30
C THR A 207 -17.65 -14.69 -5.12
N GLN A 208 -17.72 -13.82 -6.13
CA GLN A 208 -18.48 -12.59 -6.02
C GLN A 208 -19.97 -12.87 -5.83
N VAL A 209 -20.45 -13.96 -6.42
CA VAL A 209 -21.86 -14.32 -6.30
C VAL A 209 -22.17 -14.92 -4.92
N ALA A 210 -21.34 -15.87 -4.48
CA ALA A 210 -21.47 -16.43 -3.14
C ALA A 210 -21.47 -15.31 -2.10
N VAL A 211 -20.46 -14.47 -2.20
CA VAL A 211 -20.26 -13.34 -1.32
C VAL A 211 -21.41 -12.31 -1.39
N ALA A 212 -21.91 -12.05 -2.59
CA ALA A 212 -22.95 -11.03 -2.77
C ALA A 212 -24.26 -11.46 -2.16
N VAL A 213 -24.63 -12.72 -2.40
CA VAL A 213 -25.94 -13.19 -1.98
C VAL A 213 -25.97 -13.65 -0.51
N HIS A 214 -24.85 -14.10 0.03
CA HIS A 214 -24.82 -14.46 1.45
C HIS A 214 -25.02 -13.25 2.37
N GLN A 215 -24.70 -12.05 1.88
CA GLN A 215 -25.05 -10.83 2.61
C GLN A 215 -26.57 -10.63 2.60
N TRP A 216 -27.20 -11.04 1.50
CA TRP A 216 -28.64 -11.07 1.43
C TRP A 216 -29.16 -12.24 2.26
N VAL A 229 -35.16 -20.14 -6.38
CA VAL A 229 -33.92 -19.90 -7.12
C VAL A 229 -32.69 -20.52 -6.42
N VAL A 230 -32.54 -20.23 -5.14
CA VAL A 230 -31.48 -20.81 -4.31
C VAL A 230 -32.01 -20.79 -2.88
N THR A 231 -31.60 -21.76 -2.06
CA THR A 231 -32.04 -21.79 -0.67
C THR A 231 -30.99 -21.15 0.23
N GLN A 232 -31.35 -20.83 1.47
CA GLN A 232 -30.36 -20.25 2.36
C GLN A 232 -29.28 -21.28 2.70
N GLU A 233 -29.65 -22.56 2.67
CA GLU A 233 -28.65 -23.60 2.84
C GLU A 233 -27.75 -23.69 1.61
N ASP A 234 -28.32 -23.52 0.41
CA ASP A 234 -27.53 -23.46 -0.83
C ASP A 234 -26.53 -22.30 -0.78
N VAL A 235 -26.99 -21.18 -0.23
CA VAL A 235 -26.17 -19.97 -0.16
C VAL A 235 -25.16 -20.01 0.99
N GLU A 236 -25.55 -20.61 2.13
CA GLU A 236 -24.63 -20.73 3.27
C GLU A 236 -23.42 -21.63 2.95
N LEU A 237 -23.71 -22.81 2.41
CA LEU A 237 -22.68 -23.77 2.05
C LEU A 237 -21.76 -23.26 0.94
N ALA A 238 -22.32 -22.45 0.03
CA ALA A 238 -21.54 -21.88 -1.07
C ALA A 238 -20.59 -20.81 -0.53
N TYR A 239 -21.10 -20.01 0.40
CA TYR A 239 -20.33 -18.98 1.06
C TYR A 239 -19.21 -19.60 1.89
N GLN A 240 -19.53 -20.70 2.56
CA GLN A 240 -18.54 -21.44 3.32
C GLN A 240 -17.41 -22.02 2.44
N GLU A 241 -17.76 -22.56 1.27
CA GLU A 241 -16.77 -23.05 0.29
C GLU A 241 -15.87 -21.94 -0.21
N ALA A 242 -16.49 -20.85 -0.64
CA ALA A 242 -15.81 -19.75 -1.28
C ALA A 242 -14.85 -19.15 -0.27
N MET A 243 -15.30 -19.04 0.98
CA MET A 243 -14.47 -18.46 2.01
C MET A 243 -13.20 -19.30 2.24
N MET A 244 -13.33 -20.62 2.25
CA MET A 244 -12.18 -21.49 2.41
C MET A 244 -11.30 -21.47 1.15
N ASN A 245 -11.93 -21.43 -0.02
CA ASN A 245 -11.19 -21.35 -1.28
C ASN A 245 -10.40 -20.05 -1.37
N MET A 246 -10.98 -18.95 -0.87
CA MET A 246 -10.32 -17.66 -0.93
C MET A 246 -9.15 -17.57 0.05
N ALA A 247 -9.21 -18.36 1.10
CA ALA A 247 -8.16 -18.33 2.08
C ALA A 247 -7.02 -19.29 1.71
N ARG A 248 -7.29 -20.24 0.81
CA ARG A 248 -6.28 -21.19 0.35
C ARG A 248 -5.14 -20.46 -0.40
N LEU A 249 -3.90 -20.87 -0.14
CA LEU A 249 -2.76 -20.28 -0.85
C LEU A 249 -2.60 -20.90 -2.22
N ASN A 250 -2.04 -20.13 -3.15
CA ASN A 250 -1.66 -20.65 -4.48
C ASN A 250 -0.23 -21.21 -4.50
N ARG A 251 0.34 -21.41 -3.32
CA ARG A 251 1.75 -21.76 -3.15
C ARG A 251 2.17 -23.12 -3.72
N THR A 252 1.36 -24.15 -3.45
CA THR A 252 1.61 -25.50 -3.93
C THR A 252 1.45 -25.56 -5.45
N ALA A 253 0.55 -24.73 -6.00
CA ALA A 253 0.43 -24.59 -7.45
C ALA A 253 1.68 -23.92 -8.06
N ALA A 254 2.16 -22.85 -7.43
CA ALA A 254 3.41 -22.19 -7.83
C ALA A 254 4.54 -23.22 -7.93
N GLY A 255 4.73 -23.98 -6.86
CA GLY A 255 5.76 -25.01 -6.83
C GLY A 255 5.59 -26.02 -7.96
N LEU A 256 4.35 -26.45 -8.18
CA LEU A 256 4.01 -27.45 -9.19
C LEU A 256 4.17 -26.92 -10.61
N MET A 257 4.11 -25.60 -10.75
CA MET A 257 4.39 -24.94 -12.03
C MET A 257 5.81 -25.24 -12.51
N HIS A 258 6.73 -25.34 -11.56
CA HIS A 258 8.11 -25.72 -11.85
C HIS A 258 8.20 -27.24 -12.16
N THR A 259 7.71 -28.07 -11.24
CA THR A 259 7.66 -29.52 -11.45
C THR A 259 7.18 -29.90 -12.86
N PHE A 260 6.11 -29.27 -13.36
CA PHE A 260 5.48 -29.67 -14.62
C PHE A 260 5.74 -28.71 -15.77
N ASN A 261 6.82 -27.93 -15.66
CA ASN A 261 7.27 -27.00 -16.70
C ASN A 261 6.18 -26.08 -17.25
N ALA A 262 5.50 -25.36 -16.38
CA ALA A 262 4.47 -24.40 -16.81
C ALA A 262 5.09 -23.44 -17.82
N HIS A 263 4.29 -22.93 -18.76
CA HIS A 263 4.79 -21.99 -19.77
C HIS A 263 4.42 -20.54 -19.47
N ALA A 264 3.37 -20.34 -18.67
CA ALA A 264 2.94 -19.00 -18.26
C ALA A 264 1.87 -19.18 -17.21
N ALA A 265 1.63 -18.15 -16.41
CA ALA A 265 0.51 -18.20 -15.49
C ALA A 265 0.09 -16.81 -15.10
N THR A 266 -1.19 -16.69 -14.71
CA THR A 266 -1.70 -15.54 -13.96
C THR A 266 -2.58 -16.09 -12.83
N ASP A 267 -3.14 -15.21 -11.99
CA ASP A 267 -4.15 -15.64 -11.01
C ASP A 267 -5.44 -14.91 -11.26
N ILE A 268 -6.54 -15.56 -10.93
CA ILE A 268 -7.88 -15.08 -11.25
C ILE A 268 -8.45 -14.27 -10.08
N THR A 269 -8.49 -12.95 -10.25
CA THR A 269 -8.84 -12.04 -9.18
C THR A 269 -9.85 -10.98 -9.64
N GLY A 270 -9.66 -9.73 -9.23
CA GLY A 270 -10.69 -8.71 -9.38
C GLY A 270 -11.25 -8.41 -10.77
N PHE A 271 -10.56 -8.82 -11.82
CA PHE A 271 -11.08 -8.65 -13.19
C PHE A 271 -11.81 -9.90 -13.74
N GLY A 272 -11.88 -10.97 -12.94
CA GLY A 272 -12.58 -12.18 -13.34
C GLY A 272 -11.79 -13.03 -14.31
N ILE A 273 -12.41 -14.12 -14.77
CA ILE A 273 -11.73 -15.13 -15.58
C ILE A 273 -11.29 -14.61 -16.97
N LEU A 274 -12.21 -14.05 -17.75
CA LEU A 274 -11.86 -13.56 -19.09
C LEU A 274 -10.88 -12.40 -18.98
N GLY A 275 -11.13 -11.50 -18.05
CA GLY A 275 -10.27 -10.36 -17.85
C GLY A 275 -8.82 -10.75 -17.64
N HIS A 276 -8.57 -11.69 -16.74
CA HIS A 276 -7.20 -12.07 -16.48
C HIS A 276 -6.58 -12.94 -17.57
N ALA A 277 -7.40 -13.82 -18.16
CA ALA A 277 -6.98 -14.60 -19.32
C ALA A 277 -6.58 -13.71 -20.52
N GLN A 278 -7.28 -12.60 -20.71
CA GLN A 278 -6.96 -11.73 -21.84
C GLN A 278 -5.70 -10.94 -21.52
N ASN A 279 -5.50 -10.64 -20.25
CA ASN A 279 -4.28 -9.93 -19.88
C ASN A 279 -3.06 -10.86 -19.95
N LEU A 280 -3.26 -12.15 -19.67
CA LEU A 280 -2.18 -13.13 -19.82
C LEU A 280 -1.90 -13.39 -21.30
N ALA A 281 -2.95 -13.53 -22.12
CA ALA A 281 -2.77 -13.75 -23.55
C ALA A 281 -1.92 -12.63 -24.16
N LYS A 282 -2.28 -11.37 -23.86
CA LYS A 282 -1.55 -10.21 -24.42
C LYS A 282 -0.07 -10.20 -24.03
N GLN A 283 0.31 -11.06 -23.09
CA GLN A 283 1.66 -11.10 -22.56
C GLN A 283 2.51 -12.11 -23.32
N GLN A 284 1.87 -12.90 -24.19
CA GLN A 284 2.57 -14.01 -24.86
C GLN A 284 3.57 -13.58 -25.95
N ARG A 285 4.76 -14.15 -25.84
CA ARG A 285 5.83 -13.96 -26.80
C ARG A 285 5.40 -14.52 -28.18
N ASN A 286 4.96 -15.77 -28.21
CA ASN A 286 4.44 -16.36 -29.44
C ASN A 286 3.08 -15.78 -29.90
N GLU A 287 2.77 -16.00 -31.17
CA GLU A 287 1.45 -15.67 -31.70
C GLU A 287 0.45 -16.75 -31.28
N VAL A 288 -0.14 -16.55 -30.10
CA VAL A 288 -1.12 -17.49 -29.55
C VAL A 288 -2.35 -16.77 -29.01
N SER A 289 -3.50 -17.43 -29.06
CA SER A 289 -4.71 -16.97 -28.37
C SER A 289 -5.28 -18.01 -27.41
N PHE A 290 -6.01 -17.54 -26.39
CA PHE A 290 -6.60 -18.44 -25.41
C PHE A 290 -8.10 -18.67 -25.68
N VAL A 291 -8.53 -19.92 -25.68
CA VAL A 291 -9.95 -20.27 -25.80
C VAL A 291 -10.43 -21.03 -24.56
N ILE A 292 -11.44 -20.51 -23.89
CA ILE A 292 -11.93 -21.16 -22.67
C ILE A 292 -13.27 -21.86 -22.93
N HIS A 293 -13.29 -23.15 -22.65
CA HIS A 293 -14.40 -23.98 -23.07
C HIS A 293 -15.35 -24.30 -21.95
N ASN A 294 -14.82 -24.45 -20.75
CA ASN A 294 -15.67 -24.77 -19.63
C ASN A 294 -15.35 -23.90 -18.44
N LEU A 295 -16.32 -23.77 -17.55
CA LEU A 295 -16.18 -22.93 -16.37
C LEU A 295 -16.53 -23.78 -15.17
N PRO A 296 -15.58 -23.99 -14.26
CA PRO A 296 -15.87 -24.74 -13.03
C PRO A 296 -16.36 -23.76 -11.98
N VAL A 297 -17.64 -23.80 -11.67
CA VAL A 297 -18.23 -22.77 -10.81
C VAL A 297 -18.73 -23.39 -9.53
N LEU A 298 -18.60 -22.66 -8.44
CA LEU A 298 -19.22 -23.03 -7.17
C LEU A 298 -20.66 -23.45 -7.42
N ALA A 299 -21.05 -24.58 -6.84
CA ALA A 299 -22.42 -25.11 -6.97
C ALA A 299 -23.53 -24.07 -6.88
N LYS A 300 -24.31 -23.93 -7.97
CA LYS A 300 -25.49 -23.06 -8.05
C LYS A 300 -25.21 -21.56 -8.29
N MET A 301 -23.97 -21.13 -8.12
CA MET A 301 -23.67 -19.71 -8.31
C MET A 301 -23.90 -19.27 -9.75
N ALA A 302 -23.68 -20.16 -10.72
CA ALA A 302 -24.05 -19.88 -12.11
C ALA A 302 -25.56 -19.63 -12.19
N ALA A 303 -26.33 -20.39 -11.42
CA ALA A 303 -27.78 -20.23 -11.40
C ALA A 303 -28.19 -18.88 -10.82
N VAL A 304 -27.51 -18.45 -9.76
CA VAL A 304 -27.76 -17.13 -9.19
C VAL A 304 -27.38 -16.03 -10.18
N SER A 305 -26.23 -16.17 -10.83
CA SER A 305 -25.77 -15.17 -11.78
C SER A 305 -26.79 -14.95 -12.90
N LYS A 306 -27.25 -16.04 -13.51
CA LYS A 306 -28.23 -15.98 -14.59
C LYS A 306 -29.46 -15.14 -14.22
N ALA A 307 -29.95 -15.30 -13.00
CA ALA A 307 -31.16 -14.61 -12.56
C ALA A 307 -30.98 -13.10 -12.32
N CYS A 308 -29.78 -12.69 -11.89
CA CYS A 308 -29.58 -11.31 -11.48
C CYS A 308 -29.29 -10.40 -12.67
N GLY A 309 -29.76 -10.85 -13.83
CA GLY A 309 -29.59 -10.11 -15.05
C GLY A 309 -28.13 -9.90 -15.34
N ASN A 310 -27.74 -8.65 -15.44
CA ASN A 310 -26.35 -8.36 -15.71
C ASN A 310 -25.64 -7.85 -14.46
N MET A 311 -26.09 -8.30 -13.29
CA MET A 311 -25.49 -7.87 -12.02
C MET A 311 -24.10 -8.46 -11.78
N PHE A 312 -23.91 -9.69 -12.26
CA PHE A 312 -22.64 -10.38 -12.09
C PHE A 312 -21.97 -10.61 -13.42
N GLY A 313 -22.70 -11.18 -14.37
CA GLY A 313 -22.15 -11.51 -15.66
C GLY A 313 -21.12 -12.61 -15.57
N LEU A 314 -21.36 -13.61 -14.70
CA LEU A 314 -20.38 -14.66 -14.38
C LEU A 314 -20.01 -15.54 -15.58
N MET A 315 -20.99 -16.03 -16.31
CA MET A 315 -20.70 -16.91 -17.44
C MET A 315 -20.11 -16.14 -18.63
N HIS A 316 -20.16 -14.82 -18.55
CA HIS A 316 -19.56 -13.97 -19.58
C HIS A 316 -18.07 -13.72 -19.35
N GLY A 317 -17.57 -14.01 -18.14
CA GLY A 317 -16.14 -13.99 -17.88
C GLY A 317 -15.60 -12.81 -17.07
N THR A 318 -16.44 -11.79 -16.85
CA THR A 318 -15.98 -10.55 -16.25
C THR A 318 -16.47 -10.36 -14.82
N CYS A 319 -16.94 -11.42 -14.20
CA CYS A 319 -17.31 -11.39 -12.77
C CYS A 319 -16.08 -11.44 -11.88
N PRO A 320 -15.91 -10.43 -11.02
CA PRO A 320 -14.74 -10.35 -10.14
C PRO A 320 -14.59 -11.59 -9.26
N GLU A 321 -13.38 -12.15 -9.20
CA GLU A 321 -13.06 -13.10 -8.13
C GLU A 321 -12.26 -12.41 -7.01
N THR A 322 -12.17 -13.06 -5.86
CA THR A 322 -11.25 -12.65 -4.82
C THR A 322 -10.34 -13.83 -4.50
N SER A 323 -9.02 -13.61 -4.57
CA SER A 323 -8.05 -14.63 -4.20
C SER A 323 -8.39 -15.92 -4.92
N GLY A 324 -8.52 -15.84 -6.25
CA GLY A 324 -8.89 -17.00 -7.04
C GLY A 324 -7.67 -17.85 -7.33
N GLY A 325 -7.87 -18.89 -8.13
CA GLY A 325 -6.78 -19.81 -8.40
C GLY A 325 -5.81 -19.30 -9.45
N LEU A 326 -4.81 -20.12 -9.75
CA LEU A 326 -3.93 -19.85 -10.88
C LEU A 326 -4.59 -20.36 -12.17
N LEU A 327 -4.40 -19.62 -13.25
CA LEU A 327 -4.68 -20.11 -14.60
C LEU A 327 -3.34 -20.33 -15.27
N ILE A 328 -3.07 -21.59 -15.60
CA ILE A 328 -1.75 -22.04 -16.02
C ILE A 328 -1.83 -22.55 -17.46
N CYS A 329 -0.86 -22.12 -18.27
CA CYS A 329 -0.65 -22.66 -19.61
C CYS A 329 0.35 -23.79 -19.48
N LEU A 330 -0.08 -25.01 -19.78
CA LEU A 330 0.72 -26.20 -19.54
C LEU A 330 0.86 -27.03 -20.80
N PRO A 331 2.06 -27.60 -21.03
CA PRO A 331 2.18 -28.57 -22.12
C PRO A 331 1.11 -29.64 -21.92
N ARG A 332 0.50 -30.08 -23.02
CA ARG A 332 -0.61 -31.04 -22.93
C ARG A 332 -0.25 -32.29 -22.13
N GLU A 333 0.95 -32.83 -22.35
CA GLU A 333 1.41 -34.01 -21.64
C GLU A 333 1.47 -33.83 -20.09
N GLN A 334 1.89 -32.65 -19.65
CA GLN A 334 2.11 -32.40 -18.22
C GLN A 334 0.82 -32.06 -17.44
N ALA A 335 -0.13 -31.43 -18.12
CA ALA A 335 -1.33 -30.89 -17.49
C ALA A 335 -2.11 -31.91 -16.65
N ALA A 336 -2.29 -33.12 -17.17
CA ALA A 336 -2.99 -34.18 -16.44
C ALA A 336 -2.30 -34.49 -15.12
N ARG A 337 -0.97 -34.66 -15.14
CA ARG A 337 -0.21 -35.00 -13.94
C ARG A 337 -0.26 -33.88 -12.92
N PHE A 338 -0.04 -32.64 -13.38
CA PHE A 338 -0.22 -31.46 -12.54
C PHE A 338 -1.53 -31.55 -11.77
N CYS A 339 -2.63 -31.78 -12.50
CA CYS A 339 -3.97 -31.84 -11.93
C CYS A 339 -4.14 -33.01 -10.96
N ALA A 340 -3.60 -34.18 -11.32
CA ALA A 340 -3.66 -35.35 -10.44
C ALA A 340 -2.84 -35.07 -9.18
N GLU A 341 -1.69 -34.46 -9.40
CA GLU A 341 -0.75 -34.20 -8.31
C GLU A 341 -1.28 -33.16 -7.34
N ILE A 342 -1.93 -32.12 -7.85
CA ILE A 342 -2.44 -31.09 -6.96
C ILE A 342 -3.69 -31.60 -6.20
N LYS A 343 -4.35 -32.60 -6.77
CA LYS A 343 -5.52 -33.22 -6.14
C LYS A 343 -5.12 -34.04 -4.91
N SER A 344 -4.02 -34.80 -5.01
CA SER A 344 -3.46 -35.44 -3.82
C SER A 344 -1.94 -35.49 -3.81
N PRO A 345 -1.34 -34.67 -2.94
CA PRO A 345 0.11 -34.74 -2.70
C PRO A 345 0.49 -35.87 -1.73
N GLU A 349 -5.03 -31.15 2.41
CA GLU A 349 -4.04 -30.41 1.65
C GLU A 349 -4.20 -30.62 0.13
N GLY A 350 -5.13 -31.50 -0.26
CA GLY A 350 -5.36 -31.78 -1.66
C GLY A 350 -6.53 -30.99 -2.22
N HIS A 351 -6.43 -30.54 -3.46
CA HIS A 351 -7.46 -29.69 -4.05
C HIS A 351 -7.60 -29.92 -5.54
N GLN A 352 -8.85 -29.91 -6.00
CA GLN A 352 -9.18 -30.16 -7.40
C GLN A 352 -8.85 -28.95 -8.31
N ALA A 353 -8.37 -29.24 -9.54
CA ALA A 353 -8.12 -28.23 -10.58
C ALA A 353 -8.71 -28.72 -11.90
N TRP A 354 -9.03 -27.79 -12.81
CA TRP A 354 -9.73 -28.18 -14.04
C TRP A 354 -8.99 -27.79 -15.29
N ILE A 355 -9.07 -28.64 -16.31
CA ILE A 355 -8.55 -28.27 -17.62
C ILE A 355 -9.66 -27.55 -18.37
N ILE A 356 -9.58 -26.23 -18.47
CA ILE A 356 -10.75 -25.44 -18.88
C ILE A 356 -10.70 -24.92 -20.33
N GLY A 357 -9.57 -25.09 -20.99
CA GLY A 357 -9.41 -24.53 -22.33
C GLY A 357 -8.12 -24.93 -23.02
N ILE A 358 -7.84 -24.26 -24.14
CA ILE A 358 -6.73 -24.63 -25.01
C ILE A 358 -5.90 -23.41 -25.44
N VAL A 359 -4.63 -23.64 -25.69
CA VAL A 359 -3.78 -22.65 -26.31
C VAL A 359 -3.72 -22.90 -27.83
N GLU A 360 -3.98 -21.87 -28.65
CA GLU A 360 -4.02 -22.04 -30.11
C GLU A 360 -3.25 -20.92 -30.79
N LYS A 361 -2.90 -21.09 -32.05
CA LYS A 361 -2.29 -20.01 -32.82
C LYS A 361 -3.26 -18.83 -32.86
N GLY A 362 -2.73 -17.62 -32.78
CA GLY A 362 -3.57 -16.43 -32.84
C GLY A 362 -2.86 -15.12 -32.62
N ASN A 363 -3.60 -14.10 -32.20
CA ASN A 363 -3.06 -12.77 -32.05
C ASN A 363 -3.11 -12.25 -30.62
N ARG A 364 -2.86 -13.14 -29.65
CA ARG A 364 -2.68 -12.76 -28.24
C ARG A 364 -3.91 -12.15 -27.57
N THR A 365 -5.05 -12.78 -27.84
CA THR A 365 -6.31 -12.44 -27.22
C THR A 365 -6.85 -13.66 -26.48
N ALA A 366 -7.90 -13.47 -25.70
CA ALA A 366 -8.60 -14.59 -25.05
C ALA A 366 -10.10 -14.43 -25.22
N ARG A 367 -10.84 -15.54 -25.23
CA ARG A 367 -12.31 -15.50 -25.25
C ARG A 367 -12.92 -16.72 -24.55
N ILE A 368 -14.16 -16.57 -24.07
CA ILE A 368 -14.94 -17.70 -23.61
C ILE A 368 -15.76 -18.16 -24.82
N ILE A 369 -15.83 -19.48 -25.05
CA ILE A 369 -16.67 -20.01 -26.12
C ILE A 369 -18.13 -19.60 -25.92
N ASP A 370 -18.88 -19.60 -27.01
CA ASP A 370 -20.25 -19.09 -27.00
C ASP A 370 -21.18 -19.80 -26.01
N LYS A 371 -21.09 -21.12 -25.91
CA LYS A 371 -21.95 -21.85 -24.96
C LYS A 371 -21.14 -22.68 -23.92
N PRO A 372 -20.39 -22.00 -23.03
CA PRO A 372 -19.40 -22.69 -22.21
C PRO A 372 -20.07 -23.70 -21.27
N ARG A 373 -19.50 -24.89 -21.14
CA ARG A 373 -20.02 -25.85 -20.17
C ARG A 373 -19.72 -25.41 -18.75
N ILE A 374 -20.76 -25.40 -17.91
CA ILE A 374 -20.60 -25.01 -16.52
C ILE A 374 -20.43 -26.24 -15.67
N ILE A 375 -19.23 -26.43 -15.13
CA ILE A 375 -18.99 -27.54 -14.22
C ILE A 375 -19.46 -27.13 -12.82
N GLU A 376 -20.33 -27.94 -12.24
CA GLU A 376 -20.89 -27.62 -10.94
C GLU A 376 -20.01 -28.24 -9.88
N VAL A 377 -19.31 -27.39 -9.14
CA VAL A 377 -18.37 -27.87 -8.13
C VAL A 377 -19.01 -27.83 -6.74
N ALA A 378 -19.45 -28.99 -6.26
CA ALA A 378 -20.14 -29.08 -4.98
C ALA A 378 -19.14 -28.98 -3.84
N PRO A 379 -19.63 -28.58 -2.64
CA PRO A 379 -18.82 -28.61 -1.42
C PRO A 379 -18.43 -30.04 -1.02
N SER B 8 -0.97 27.54 -8.50
CA SER B 8 -0.97 27.46 -9.95
C SER B 8 -1.84 26.33 -10.49
N PHE B 9 -2.82 25.92 -9.71
CA PHE B 9 -3.80 24.99 -10.26
C PHE B 9 -5.13 25.70 -10.27
N ASN B 10 -5.73 25.69 -11.45
CA ASN B 10 -7.05 26.26 -11.62
C ASN B 10 -7.92 25.18 -12.23
N PRO B 11 -8.98 24.77 -11.49
CA PRO B 11 -9.95 23.79 -11.95
C PRO B 11 -10.54 24.21 -13.29
N GLU B 12 -10.65 25.52 -13.48
CA GLU B 12 -11.14 26.09 -14.73
C GLU B 12 -10.23 25.70 -15.89
N SER B 13 -8.92 25.84 -15.69
CA SER B 13 -7.93 25.61 -16.75
C SER B 13 -7.91 24.19 -17.25
N TYR B 14 -8.87 23.38 -16.77
CA TYR B 14 -8.91 21.96 -17.10
C TYR B 14 -10.30 21.48 -17.50
N GLU B 15 -11.22 22.42 -17.65
CA GLU B 15 -12.61 22.17 -18.06
C GLU B 15 -13.47 21.65 -16.89
N LEU B 16 -13.03 21.90 -15.65
CA LEU B 16 -13.80 21.53 -14.46
C LEU B 16 -14.62 22.72 -13.91
N ASP B 17 -15.42 22.45 -12.88
CA ASP B 17 -16.17 23.51 -12.20
C ASP B 17 -15.20 24.35 -11.41
N LYS B 18 -15.39 25.67 -11.41
CA LYS B 18 -14.49 26.55 -10.66
C LYS B 18 -14.44 26.06 -9.20
N SER B 19 -15.49 25.34 -8.81
CA SER B 19 -15.72 24.92 -7.42
C SER B 19 -14.94 23.65 -6.99
N PHE B 20 -14.24 23.04 -7.92
CA PHE B 20 -13.61 21.76 -7.62
C PHE B 20 -12.50 21.93 -6.59
N ARG B 21 -12.51 21.09 -5.55
CA ARG B 21 -11.37 20.98 -4.64
C ARG B 21 -10.94 19.51 -4.63
N LEU B 22 -9.66 19.24 -4.80
CA LEU B 22 -9.19 17.87 -4.68
C LEU B 22 -9.32 17.45 -3.22
N THR B 23 -9.27 18.45 -2.34
CA THR B 23 -9.41 18.25 -0.89
C THR B 23 -10.86 17.95 -0.49
N ARG B 24 -11.77 17.99 -1.47
CA ARG B 24 -13.17 17.65 -1.22
C ARG B 24 -13.36 16.14 -1.00
N PHE B 25 -12.45 15.34 -1.57
CA PHE B 25 -12.60 13.88 -1.59
C PHE B 25 -11.88 13.21 -0.41
N THR B 26 -11.99 13.87 0.74
CA THR B 26 -11.60 13.32 2.04
C THR B 26 -12.06 14.36 3.07
N GLU B 27 -12.06 13.99 4.34
CA GLU B 27 -12.44 14.90 5.40
C GLU B 27 -11.19 15.22 6.22
N LEU B 28 -10.89 16.51 6.36
CA LEU B 28 -9.71 16.92 7.11
C LEU B 28 -9.96 16.88 8.62
N LYS B 29 -8.95 16.46 9.37
CA LYS B 29 -9.00 16.55 10.83
C LYS B 29 -7.72 17.22 11.35
N GLY B 30 -7.87 18.17 12.28
CA GLY B 30 -6.72 18.82 12.87
C GLY B 30 -5.64 17.84 13.32
N THR B 31 -6.07 16.70 13.85
CA THR B 31 -5.14 15.70 14.37
C THR B 31 -4.87 14.54 13.40
N GLY B 32 -5.46 14.60 12.20
CA GLY B 32 -5.10 13.70 11.12
C GLY B 32 -5.83 12.37 11.10
N CYS B 33 -5.47 11.53 10.12
CA CYS B 33 -6.19 10.28 9.82
C CYS B 33 -5.55 8.97 10.29
N LYS B 34 -4.30 9.00 10.75
CA LYS B 34 -3.63 7.74 11.16
C LYS B 34 -4.27 7.16 12.42
N VAL B 35 -4.43 5.85 12.46
CA VAL B 35 -4.77 5.21 13.73
C VAL B 35 -3.67 5.63 14.69
N PRO B 36 -4.06 6.22 15.83
CA PRO B 36 -3.15 6.73 16.86
C PRO B 36 -2.12 5.71 17.32
N GLN B 37 -0.97 6.22 17.74
CA GLN B 37 0.21 5.40 18.07
C GLN B 37 -0.08 4.31 19.07
N ASP B 38 -0.73 4.68 20.16
CA ASP B 38 -0.96 3.74 21.25
C ASP B 38 -1.97 2.67 20.87
N VAL B 39 -3.00 3.07 20.14
CA VAL B 39 -4.00 2.15 19.61
C VAL B 39 -3.33 1.18 18.65
N LEU B 40 -2.46 1.74 17.81
CA LEU B 40 -1.73 0.94 16.83
C LEU B 40 -0.86 -0.10 17.50
N GLN B 41 -0.05 0.33 18.45
CA GLN B 41 0.92 -0.58 19.06
C GLN B 41 0.22 -1.78 19.72
N LYS B 42 -1.01 -1.57 20.20
CA LYS B 42 -1.78 -2.65 20.81
C LYS B 42 -2.39 -3.62 19.80
N LEU B 43 -2.93 -3.09 18.70
CA LEU B 43 -3.59 -3.91 17.69
C LEU B 43 -2.61 -4.87 17.02
N LEU B 44 -1.34 -4.46 16.98
CA LEU B 44 -0.29 -5.21 16.29
C LEU B 44 0.51 -6.15 17.20
N GLU B 45 -0.04 -6.49 18.36
CA GLU B 45 0.71 -7.29 19.35
C GLU B 45 1.09 -8.70 18.88
N SER B 46 0.17 -9.37 18.16
CA SER B 46 0.45 -10.71 17.66
C SER B 46 1.58 -10.80 16.60
N LEU B 47 1.84 -9.71 15.88
CA LEU B 47 2.76 -9.72 14.72
C LEU B 47 4.24 -9.92 15.08
N VAL B 62 24.21 -12.04 13.47
CA VAL B 62 25.31 -11.19 13.03
C VAL B 62 24.92 -10.04 12.12
N MET B 63 23.83 -10.22 11.35
CA MET B 63 23.29 -9.17 10.46
C MET B 63 22.12 -8.47 11.13
N PRO B 64 22.24 -7.14 11.30
CA PRO B 64 21.20 -6.37 11.96
C PRO B 64 19.89 -6.49 11.21
N ARG B 65 18.80 -6.73 11.95
CA ARG B 65 17.47 -6.78 11.38
C ARG B 65 16.60 -5.74 12.05
N LEU B 66 15.57 -5.31 11.34
CA LEU B 66 14.61 -4.38 11.90
C LEU B 66 13.21 -4.86 11.51
N GLY B 67 12.38 -5.07 12.52
CA GLY B 67 11.01 -5.51 12.32
C GLY B 67 10.14 -4.33 12.64
N ILE B 68 8.87 -4.60 12.93
CA ILE B 68 7.92 -3.54 13.22
C ILE B 68 8.47 -2.59 14.28
N GLY B 69 8.28 -1.29 14.07
CA GLY B 69 8.57 -0.33 15.12
C GLY B 69 9.29 0.91 14.65
N MET B 70 10.07 0.79 13.57
CA MET B 70 10.69 1.96 12.94
C MET B 70 10.12 2.32 11.55
N ASP B 71 10.96 2.94 10.73
CA ASP B 71 10.54 3.59 9.47
C ASP B 71 10.63 2.62 8.33
N THR B 72 11.47 1.62 8.50
CA THR B 72 11.77 0.69 7.46
C THR B 72 11.99 -0.65 8.18
N CYS B 73 11.61 -1.77 7.55
CA CYS B 73 12.13 -3.04 8.01
C CYS B 73 13.53 -3.17 7.42
N VAL B 74 14.37 -3.98 8.06
CA VAL B 74 15.64 -4.43 7.48
C VAL B 74 15.63 -5.95 7.63
N ILE B 75 15.60 -6.64 6.50
CA ILE B 75 15.42 -8.09 6.47
C ILE B 75 16.61 -8.73 5.79
N PRO B 76 17.57 -9.26 6.58
CA PRO B 76 18.72 -9.92 5.96
C PRO B 76 18.29 -10.96 4.91
N LEU B 77 18.89 -10.96 3.74
CA LEU B 77 18.51 -11.92 2.71
C LEU B 77 19.44 -13.11 2.73
N ARG B 78 19.00 -14.22 2.13
CA ARG B 78 19.81 -15.44 2.06
C ARG B 78 20.96 -15.26 1.08
N HIS B 79 20.88 -14.22 0.26
CA HIS B 79 21.90 -13.97 -0.75
C HIS B 79 22.96 -12.94 -0.33
N GLY B 80 24.21 -13.38 -0.31
CA GLY B 80 25.36 -12.49 -0.22
C GLY B 80 25.34 -11.27 0.69
N GLY B 81 24.92 -11.45 1.94
CA GLY B 81 25.00 -10.37 2.91
C GLY B 81 24.16 -9.15 2.57
N LEU B 82 23.17 -9.32 1.68
CA LEU B 82 22.22 -8.26 1.34
C LEU B 82 21.03 -8.27 2.30
N SER B 83 20.44 -7.10 2.52
CA SER B 83 19.26 -6.99 3.36
C SER B 83 18.16 -6.26 2.60
N LEU B 84 16.94 -6.75 2.74
CA LEU B 84 15.76 -6.09 2.19
C LEU B 84 15.35 -4.95 3.08
N VAL B 85 15.34 -3.75 2.50
CA VAL B 85 14.94 -2.54 3.17
C VAL B 85 13.68 -2.02 2.46
N GLN B 86 12.55 -1.99 3.16
CA GLN B 86 11.33 -1.49 2.54
C GLN B 86 10.30 -0.85 3.48
N THR B 87 9.32 -0.18 2.89
CA THR B 87 8.44 0.70 3.63
C THR B 87 7.16 0.90 2.82
N THR B 88 6.03 1.05 3.50
CA THR B 88 4.81 1.42 2.80
C THR B 88 4.13 2.55 3.56
N ASP B 89 3.30 3.30 2.85
CA ASP B 89 2.54 4.41 3.42
C ASP B 89 1.40 4.76 2.47
N TYR B 90 0.36 5.35 3.03
CA TYR B 90 -0.66 6.00 2.23
C TYR B 90 -1.33 7.16 2.99
N ILE B 91 -1.69 8.21 2.25
CA ILE B 91 -2.40 9.36 2.79
C ILE B 91 -3.60 9.73 1.89
N TYR B 92 -4.27 10.83 2.23
CA TYR B 92 -5.39 11.35 1.46
C TYR B 92 -5.06 12.77 0.96
N PRO B 93 -5.88 13.33 0.05
CA PRO B 93 -5.55 14.66 -0.49
C PRO B 93 -5.50 15.75 0.57
N ILE B 94 -4.47 16.58 0.45
CA ILE B 94 -4.13 17.57 1.45
C ILE B 94 -3.88 18.95 0.82
N VAL B 95 -3.62 18.95 -0.48
CA VAL B 95 -3.57 20.18 -1.26
C VAL B 95 -4.49 20.02 -2.47
N ASP B 96 -4.85 21.12 -3.10
CA ASP B 96 -5.80 21.11 -4.19
C ASP B 96 -5.11 20.97 -5.54
N ASP B 97 -3.80 21.15 -5.54
CA ASP B 97 -2.98 20.97 -6.72
C ASP B 97 -2.70 19.46 -6.90
N PRO B 98 -3.31 18.83 -7.93
CA PRO B 98 -3.16 17.39 -8.15
C PRO B 98 -1.72 17.00 -8.44
N TYR B 99 -1.07 17.70 -9.36
CA TYR B 99 0.28 17.31 -9.72
C TYR B 99 1.16 17.32 -8.48
N MET B 100 1.07 18.38 -7.68
CA MET B 100 1.90 18.48 -6.48
C MET B 100 1.51 17.42 -5.46
N MET B 101 0.20 17.21 -5.31
CA MET B 101 -0.26 16.15 -4.43
C MET B 101 0.36 14.80 -4.79
N GLY B 102 0.47 14.50 -6.09
CA GLY B 102 1.17 13.30 -6.54
C GLY B 102 2.64 13.28 -6.11
N ARG B 103 3.31 14.40 -6.27
CA ARG B 103 4.70 14.49 -5.82
C ARG B 103 4.81 14.20 -4.33
N ILE B 104 3.90 14.79 -3.56
CA ILE B 104 3.88 14.61 -2.10
C ILE B 104 3.61 13.17 -1.65
N ALA B 105 2.60 12.52 -2.24
CA ALA B 105 2.29 11.12 -1.95
C ALA B 105 3.51 10.24 -2.17
N CYS B 106 4.25 10.51 -3.25
CA CYS B 106 5.49 9.79 -3.57
C CYS B 106 6.66 10.14 -2.65
N ALA B 107 6.80 11.41 -2.32
CA ALA B 107 7.88 11.88 -1.46
C ALA B 107 7.68 11.35 -0.04
N ASN B 108 6.42 11.30 0.39
CA ASN B 108 6.09 10.73 1.69
C ASN B 108 6.46 9.24 1.79
N VAL B 109 6.16 8.48 0.74
CA VAL B 109 6.58 7.08 0.69
C VAL B 109 8.10 6.97 0.85
N LEU B 110 8.84 7.71 0.03
CA LEU B 110 10.32 7.67 -0.01
C LEU B 110 11.00 8.20 1.26
N SER B 111 10.31 9.09 1.96
CA SER B 111 10.81 9.70 3.22
C SER B 111 11.44 8.66 4.15
N ASP B 112 10.85 7.47 4.19
CA ASP B 112 11.22 6.45 5.16
C ASP B 112 12.48 5.65 4.83
N LEU B 113 12.74 5.44 3.53
CA LEU B 113 14.06 4.95 3.08
C LEU B 113 15.12 5.92 3.61
N TYR B 114 14.87 7.20 3.35
CA TYR B 114 15.81 8.26 3.68
C TYR B 114 16.09 8.38 5.19
N ALA B 115 15.13 7.96 6.02
CA ALA B 115 15.32 7.93 7.48
C ALA B 115 16.38 6.90 7.89
N MET B 116 16.67 5.98 6.97
CA MET B 116 17.66 4.93 7.20
C MET B 116 18.95 5.25 6.43
N GLY B 117 19.05 6.47 5.93
CA GLY B 117 20.23 6.89 5.20
C GLY B 117 20.33 6.27 3.81
N VAL B 118 19.25 5.67 3.34
CA VAL B 118 19.30 4.89 2.08
C VAL B 118 18.92 5.79 0.92
N THR B 119 19.89 6.09 0.05
CA THR B 119 19.69 7.14 -0.94
C THR B 119 19.07 6.59 -2.21
N GLU B 120 19.24 5.29 -2.42
CA GLU B 120 18.73 4.62 -3.61
C GLU B 120 17.41 3.91 -3.35
N CYS B 121 16.55 3.92 -4.37
CA CYS B 121 15.33 3.13 -4.37
C CYS B 121 15.37 2.25 -5.62
N ASP B 122 15.38 0.94 -5.39
CA ASP B 122 15.45 -0.03 -6.46
C ASP B 122 14.10 -0.15 -7.18
N ASN B 123 12.99 0.09 -6.46
CA ASN B 123 11.67 0.02 -7.08
C ASN B 123 10.57 0.66 -6.24
N MET B 124 9.60 1.26 -6.91
CA MET B 124 8.38 1.76 -6.26
C MET B 124 7.13 1.04 -6.77
N LEU B 125 6.11 0.99 -5.91
CA LEU B 125 4.77 0.58 -6.31
C LEU B 125 3.85 1.73 -5.91
N MET B 126 2.73 1.88 -6.60
CA MET B 126 1.76 2.93 -6.27
C MET B 126 0.42 2.37 -5.78
N LEU B 127 -0.02 2.88 -4.63
CA LEU B 127 -1.35 2.60 -4.08
C LEU B 127 -2.28 3.79 -4.39
N LEU B 128 -3.32 3.51 -5.17
CA LEU B 128 -4.20 4.56 -5.65
C LEU B 128 -5.63 4.23 -5.26
N GLY B 129 -6.35 5.23 -4.78
CA GLY B 129 -7.79 5.11 -4.59
C GLY B 129 -8.42 6.18 -5.46
N VAL B 130 -9.43 5.83 -6.26
CA VAL B 130 -10.24 6.84 -6.94
C VAL B 130 -11.52 7.06 -6.15
N SER B 131 -11.91 8.32 -5.94
CA SER B 131 -13.12 8.57 -5.18
C SER B 131 -14.36 8.14 -5.94
N ASN B 132 -15.18 7.32 -5.30
CA ASN B 132 -16.44 6.93 -5.90
C ASN B 132 -17.43 8.10 -5.99
N LYS B 133 -17.02 9.25 -5.48
CA LYS B 133 -17.82 10.46 -5.51
C LYS B 133 -17.43 11.36 -6.67
N MET B 134 -16.33 11.05 -7.34
CA MET B 134 -15.85 11.92 -8.42
C MET B 134 -16.38 11.45 -9.76
N THR B 135 -16.76 12.42 -10.60
CA THR B 135 -17.25 12.12 -11.95
C THR B 135 -16.12 11.55 -12.84
N ASP B 136 -16.49 10.89 -13.93
CA ASP B 136 -15.50 10.36 -14.87
C ASP B 136 -14.60 11.47 -15.43
N ARG B 137 -15.21 12.62 -15.73
CA ARG B 137 -14.51 13.77 -16.30
C ARG B 137 -13.38 14.27 -15.40
N GLU B 138 -13.69 14.40 -14.11
CA GLU B 138 -12.73 14.78 -13.09
C GLU B 138 -11.61 13.74 -13.03
N ARG B 139 -11.99 12.48 -12.87
CA ARG B 139 -11.05 11.38 -12.73
C ARG B 139 -10.03 11.34 -13.87
N ASP B 140 -10.53 11.44 -15.10
CA ASP B 140 -9.70 11.37 -16.29
C ASP B 140 -8.89 12.63 -16.44
N LYS B 141 -9.34 13.71 -15.79
CA LYS B 141 -8.62 14.97 -15.83
C LYS B 141 -7.63 15.08 -14.66
N VAL B 142 -8.10 14.76 -13.45
CA VAL B 142 -7.31 14.94 -12.22
C VAL B 142 -6.29 13.82 -11.91
N MET B 143 -6.68 12.56 -12.09
CA MET B 143 -5.81 11.42 -11.75
C MET B 143 -4.48 11.41 -12.50
N PRO B 144 -4.49 11.76 -13.80
CA PRO B 144 -3.23 11.82 -14.56
C PRO B 144 -2.23 12.84 -14.01
N LEU B 145 -2.69 13.98 -13.50
CA LEU B 145 -1.80 14.95 -12.88
C LEU B 145 -1.12 14.33 -11.67
N ILE B 146 -1.90 13.59 -10.90
CA ILE B 146 -1.40 12.97 -9.68
C ILE B 146 -0.36 11.91 -10.03
N ILE B 147 -0.67 11.11 -11.05
CA ILE B 147 0.22 10.05 -11.52
C ILE B 147 1.51 10.62 -12.13
N GLN B 148 1.39 11.70 -12.90
CA GLN B 148 2.56 12.41 -13.39
C GLN B 148 3.39 12.94 -12.22
N GLY B 149 2.75 13.54 -11.23
CA GLY B 149 3.43 14.02 -10.03
C GLY B 149 4.17 12.92 -9.29
N PHE B 150 3.53 11.77 -9.13
CA PHE B 150 4.16 10.64 -8.46
C PHE B 150 5.38 10.14 -9.25
N LYS B 151 5.20 10.01 -10.57
CA LYS B 151 6.24 9.58 -11.50
C LYS B 151 7.45 10.51 -11.51
N ASP B 152 7.20 11.81 -11.54
CA ASP B 152 8.28 12.81 -11.55
C ASP B 152 9.12 12.80 -10.26
N ALA B 153 8.46 12.68 -9.11
CA ALA B 153 9.19 12.60 -7.85
C ALA B 153 10.00 11.30 -7.85
N ALA B 154 9.37 10.18 -8.24
CA ALA B 154 10.07 8.91 -8.39
C ALA B 154 11.28 9.07 -9.32
N GLU B 155 11.15 9.91 -10.35
CA GLU B 155 12.24 10.10 -11.28
C GLU B 155 13.41 10.90 -10.68
N GLU B 156 13.11 11.93 -9.90
CA GLU B 156 14.11 12.67 -9.12
C GLU B 156 14.79 11.72 -8.13
N ALA B 157 14.00 10.84 -7.53
CA ALA B 157 14.50 9.81 -6.61
C ALA B 157 15.39 8.75 -7.27
N GLY B 158 15.42 8.78 -8.61
CA GLY B 158 16.23 7.83 -9.37
C GLY B 158 15.60 6.45 -9.46
N THR B 159 14.27 6.42 -9.42
CA THR B 159 13.54 5.15 -9.41
C THR B 159 12.27 5.25 -10.28
N SER B 160 11.46 4.19 -10.30
CA SER B 160 10.25 4.19 -11.12
C SER B 160 9.17 3.31 -10.51
N VAL B 161 7.92 3.59 -10.87
CA VAL B 161 6.76 2.83 -10.41
C VAL B 161 6.48 1.71 -11.42
N THR B 162 6.58 0.44 -10.99
CA THR B 162 6.43 -0.71 -11.91
C THR B 162 5.23 -1.62 -11.61
N GLY B 163 4.38 -1.21 -10.67
CA GLY B 163 3.16 -1.93 -10.34
C GLY B 163 2.42 -1.22 -9.22
N GLY B 164 1.23 -1.69 -8.88
CA GLY B 164 0.42 -1.09 -7.82
C GLY B 164 -0.99 -1.64 -7.78
N GLN B 165 -1.90 -0.88 -7.20
CA GLN B 165 -3.28 -1.31 -7.03
C GLN B 165 -4.14 -0.06 -7.06
N THR B 166 -5.22 -0.08 -7.83
CA THR B 166 -6.10 1.09 -7.98
C THR B 166 -7.59 0.66 -7.84
N VAL B 167 -8.23 1.09 -6.75
CA VAL B 167 -9.60 0.68 -6.51
C VAL B 167 -10.45 1.88 -6.14
N LEU B 168 -11.77 1.70 -6.22
CA LEU B 168 -12.75 2.71 -5.80
C LEU B 168 -12.85 2.76 -4.28
N ASN B 169 -12.85 3.98 -3.73
CA ASN B 169 -12.93 4.25 -2.30
C ASN B 169 -13.72 5.54 -2.17
N PRO B 170 -14.45 5.74 -1.06
CA PRO B 170 -15.12 7.03 -0.92
C PRO B 170 -14.11 8.17 -1.07
N TRP B 171 -12.87 7.95 -0.65
CA TRP B 171 -11.83 8.99 -0.67
C TRP B 171 -10.70 8.71 -1.67
N ILE B 172 -10.00 9.76 -2.07
CA ILE B 172 -8.78 9.60 -2.87
C ILE B 172 -7.62 9.15 -1.98
N VAL B 173 -7.13 7.94 -2.26
CA VAL B 173 -6.10 7.35 -1.45
C VAL B 173 -4.83 7.40 -2.26
N LEU B 174 -3.75 7.88 -1.65
CA LEU B 174 -2.47 8.11 -2.35
C LEU B 174 -1.32 7.56 -1.55
N GLY B 175 -0.68 6.49 -2.03
CA GLY B 175 0.42 5.92 -1.30
C GLY B 175 1.35 5.10 -2.15
N GLY B 176 2.04 4.15 -1.52
CA GLY B 176 2.94 3.32 -2.28
C GLY B 176 3.89 2.53 -1.43
N VAL B 177 4.86 1.90 -2.09
CA VAL B 177 5.87 1.06 -1.47
C VAL B 177 7.21 1.48 -2.04
N ALA B 178 8.22 1.60 -1.17
CA ALA B 178 9.59 1.81 -1.63
C ALA B 178 10.50 0.70 -1.06
N THR B 179 11.22 0.01 -1.95
CA THR B 179 12.07 -1.12 -1.56
C THR B 179 13.48 -1.00 -2.12
N THR B 180 14.48 -1.22 -1.26
CA THR B 180 15.86 -1.32 -1.72
C THR B 180 16.55 -2.58 -1.17
N VAL B 181 17.36 -3.19 -2.02
CA VAL B 181 18.22 -4.30 -1.64
C VAL B 181 19.64 -3.73 -1.43
N CYS B 182 20.02 -3.53 -0.17
CA CYS B 182 21.22 -2.76 0.17
C CYS B 182 22.40 -3.66 0.57
N GLN B 183 23.61 -3.13 0.38
CA GLN B 183 24.78 -3.65 1.09
C GLN B 183 24.77 -2.99 2.46
N PRO B 184 25.48 -3.57 3.44
CA PRO B 184 25.46 -3.13 4.84
C PRO B 184 25.76 -1.67 5.12
N ASN B 185 26.61 -1.04 4.33
CA ASN B 185 26.94 0.35 4.60
C ASN B 185 25.97 1.33 3.96
N GLU B 186 25.14 0.87 3.05
CA GLU B 186 24.19 1.76 2.38
C GLU B 186 23.05 2.20 3.31
N PHE B 187 22.88 1.50 4.44
CA PHE B 187 21.86 1.88 5.44
C PHE B 187 22.49 2.12 6.81
N ILE B 188 21.89 3.00 7.60
CA ILE B 188 22.42 3.33 8.92
C ILE B 188 21.40 2.95 9.98
N MET B 189 21.72 1.99 10.85
CA MET B 189 20.75 1.58 11.88
C MET B 189 20.42 2.75 12.83
N PRO B 190 19.11 2.97 13.10
CA PRO B 190 18.65 4.17 13.82
C PRO B 190 18.73 4.02 15.36
N ASP B 191 19.91 3.66 15.88
CA ASP B 191 20.02 3.30 17.30
C ASP B 191 21.39 3.62 17.97
N ASN B 192 22.22 4.42 17.31
CA ASN B 192 23.60 4.63 17.77
C ASN B 192 23.79 5.96 18.53
N ALA B 193 22.70 6.56 18.99
CA ALA B 193 22.80 7.82 19.71
C ALA B 193 23.55 7.66 21.04
N VAL B 194 24.32 8.68 21.39
CA VAL B 194 25.02 8.77 22.68
C VAL B 194 24.69 10.11 23.38
N PRO B 195 24.78 10.15 24.72
CA PRO B 195 24.58 11.45 25.39
C PRO B 195 25.55 12.49 24.83
N GLY B 196 25.05 13.68 24.49
CA GLY B 196 25.89 14.68 23.87
C GLY B 196 25.69 14.84 22.37
N ASP B 197 25.04 13.86 21.72
CA ASP B 197 24.57 14.10 20.37
C ASP B 197 23.53 15.21 20.42
N VAL B 198 23.28 15.79 19.25
CA VAL B 198 22.25 16.83 19.12
C VAL B 198 21.17 16.37 18.15
N LEU B 199 20.06 17.10 18.13
CA LEU B 199 18.93 16.78 17.28
C LEU B 199 18.81 17.78 16.15
N VAL B 200 18.93 17.30 14.91
CA VAL B 200 18.79 18.13 13.72
C VAL B 200 17.49 17.79 12.99
N LEU B 201 16.64 18.81 12.78
CA LEU B 201 15.40 18.68 12.01
C LEU B 201 15.58 19.44 10.69
N THR B 202 15.28 18.80 9.55
CA THR B 202 15.61 19.37 8.23
C THR B 202 14.46 20.01 7.43
N LYS B 203 13.24 19.94 7.97
CA LYS B 203 12.09 20.68 7.43
C LYS B 203 11.33 21.30 8.59
N PRO B 204 10.66 22.44 8.33
CA PRO B 204 9.91 23.15 9.38
C PRO B 204 8.56 22.51 9.66
N LEU B 205 8.09 22.64 10.90
CA LEU B 205 6.82 22.06 11.31
C LEU B 205 5.59 22.90 10.92
N GLY B 206 4.40 22.37 11.19
CA GLY B 206 3.16 23.09 10.95
C GLY B 206 2.47 22.85 9.63
N THR B 207 2.79 21.76 8.93
CA THR B 207 2.16 21.48 7.63
C THR B 207 0.63 21.32 7.73
N GLN B 208 0.15 20.61 8.76
CA GLN B 208 -1.29 20.34 8.92
C GLN B 208 -2.10 21.62 9.09
N VAL B 209 -1.62 22.53 9.94
CA VAL B 209 -2.25 23.83 10.10
C VAL B 209 -2.33 24.55 8.74
N ALA B 210 -1.24 24.51 7.99
CA ALA B 210 -1.13 25.22 6.71
C ALA B 210 -2.13 24.75 5.64
N VAL B 211 -2.33 23.44 5.57
CA VAL B 211 -3.20 22.86 4.54
C VAL B 211 -4.68 22.99 4.94
N ALA B 212 -4.98 22.73 6.22
CA ALA B 212 -6.32 22.86 6.77
C ALA B 212 -6.82 24.31 6.71
N VAL B 213 -5.97 25.20 7.21
CA VAL B 213 -6.27 26.63 7.23
C VAL B 213 -6.48 27.16 5.79
N HIS B 214 -5.82 26.53 4.82
CA HIS B 214 -6.06 26.87 3.42
C HIS B 214 -7.46 26.43 3.00
N GLN B 215 -7.90 25.29 3.50
CA GLN B 215 -9.23 24.76 3.19
C GLN B 215 -10.33 25.59 3.90
N TRP B 216 -9.99 26.19 5.03
CA TRP B 216 -10.96 26.98 5.78
C TRP B 216 -11.37 28.27 5.08
N LEU B 217 -10.54 28.78 4.16
CA LEU B 217 -10.91 30.03 3.53
C LEU B 217 -12.04 29.85 2.52
N ASP B 218 -12.25 28.62 2.09
CA ASP B 218 -13.37 28.35 1.21
C ASP B 218 -14.60 28.15 2.06
N ILE B 219 -14.45 28.30 3.37
CA ILE B 219 -15.56 28.07 4.30
C ILE B 219 -15.77 29.17 5.34
N PRO B 220 -16.64 30.13 5.05
CA PRO B 220 -16.96 31.28 5.89
C PRO B 220 -16.91 31.06 7.40
N GLU B 221 -17.80 30.26 7.95
CA GLU B 221 -17.82 30.07 9.40
C GLU B 221 -16.39 29.88 9.90
N LYS B 222 -15.65 28.97 9.27
CA LYS B 222 -14.31 28.65 9.70
C LYS B 222 -13.39 29.85 9.49
N TRP B 223 -13.41 30.44 8.30
CA TRP B 223 -12.50 31.56 8.03
C TRP B 223 -12.73 32.76 8.93
N ASN B 224 -13.93 32.89 9.45
CA ASN B 224 -14.23 33.96 10.38
C ASN B 224 -13.43 33.87 11.65
N LYS B 225 -13.18 32.64 12.09
CA LYS B 225 -12.48 32.41 13.33
C LYS B 225 -11.02 32.90 13.31
N ILE B 226 -10.20 32.32 12.45
CA ILE B 226 -8.81 32.75 12.36
C ILE B 226 -8.61 33.95 11.43
N LYS B 227 -9.71 34.44 10.87
CA LYS B 227 -9.65 35.64 10.08
C LYS B 227 -8.89 36.69 10.86
N LEU B 228 -9.06 36.67 12.18
CA LEU B 228 -8.51 37.69 13.08
C LEU B 228 -7.07 37.40 13.49
N VAL B 229 -6.54 36.26 13.03
CA VAL B 229 -5.18 35.82 13.33
C VAL B 229 -4.20 36.02 12.17
N VAL B 230 -4.65 35.73 10.96
CA VAL B 230 -3.76 35.72 9.79
C VAL B 230 -4.48 36.25 8.54
N THR B 231 -3.73 36.88 7.64
CA THR B 231 -4.30 37.33 6.37
C THR B 231 -4.43 36.19 5.35
N GLN B 232 -5.31 36.37 4.36
CA GLN B 232 -5.43 35.41 3.26
C GLN B 232 -4.10 35.27 2.53
N GLU B 233 -3.32 36.36 2.50
CA GLU B 233 -2.00 36.31 1.90
C GLU B 233 -1.04 35.40 2.68
N ASP B 234 -1.00 35.54 4.01
CA ASP B 234 -0.14 34.67 4.83
C ASP B 234 -0.48 33.20 4.61
N VAL B 235 -1.78 32.90 4.66
CA VAL B 235 -2.30 31.56 4.47
C VAL B 235 -1.90 30.97 3.11
N GLU B 236 -2.00 31.77 2.05
CA GLU B 236 -1.60 31.33 0.73
C GLU B 236 -0.12 31.03 0.70
N LEU B 237 0.61 31.80 1.52
CA LEU B 237 2.06 31.72 1.58
C LEU B 237 2.56 30.49 2.36
N ALA B 238 1.91 30.17 3.47
CA ALA B 238 2.26 28.97 4.24
C ALA B 238 1.87 27.72 3.46
N TYR B 239 0.88 27.87 2.58
CA TYR B 239 0.37 26.78 1.77
C TYR B 239 1.36 26.41 0.67
N GLN B 240 1.75 27.41 -0.13
CA GLN B 240 2.73 27.16 -1.17
C GLN B 240 4.02 26.60 -0.58
N GLU B 241 4.39 27.09 0.61
CA GLU B 241 5.60 26.65 1.30
C GLU B 241 5.48 25.23 1.84
N ALA B 242 4.38 24.95 2.52
CA ALA B 242 4.14 23.59 3.00
C ALA B 242 4.21 22.64 1.79
N MET B 243 3.54 23.04 0.71
CA MET B 243 3.42 22.19 -0.45
C MET B 243 4.80 21.93 -1.01
N MET B 244 5.61 22.97 -1.07
CA MET B 244 6.98 22.88 -1.54
C MET B 244 7.85 21.90 -0.75
N ASN B 245 7.87 22.05 0.57
CA ASN B 245 8.70 21.21 1.45
C ASN B 245 8.21 19.75 1.52
N MET B 246 6.89 19.57 1.48
CA MET B 246 6.32 18.23 1.48
C MET B 246 6.67 17.46 0.19
N ALA B 247 6.85 18.19 -0.90
CA ALA B 247 7.23 17.57 -2.16
C ALA B 247 8.74 17.37 -2.21
N ARG B 248 9.45 18.04 -1.30
CA ARG B 248 10.91 17.95 -1.21
C ARG B 248 11.36 16.58 -0.68
N LEU B 249 12.19 15.88 -1.46
CA LEU B 249 12.75 14.60 -1.07
C LEU B 249 13.79 14.76 0.04
N ASN B 250 13.82 13.79 0.95
CA ASN B 250 14.84 13.75 2.01
C ASN B 250 16.13 13.05 1.53
N ARG B 251 16.19 12.81 0.23
CA ARG B 251 17.28 12.06 -0.40
C ARG B 251 18.65 12.65 -0.07
N THR B 252 18.76 13.95 -0.27
CA THR B 252 20.01 14.65 0.05
C THR B 252 20.36 14.48 1.54
N ALA B 253 19.38 14.70 2.42
CA ALA B 253 19.58 14.57 3.86
C ALA B 253 20.06 13.16 4.24
N ALA B 254 19.49 12.14 3.58
CA ALA B 254 19.93 10.76 3.77
C ALA B 254 21.40 10.58 3.40
N GLY B 255 21.83 11.16 2.28
CA GLY B 255 23.22 11.03 1.84
C GLY B 255 24.18 11.71 2.80
N LEU B 256 23.80 12.89 3.28
CA LEU B 256 24.63 13.65 4.21
C LEU B 256 24.75 12.96 5.55
N MET B 257 23.78 12.11 5.91
CA MET B 257 23.87 11.37 7.17
C MET B 257 25.07 10.42 7.21
N HIS B 258 25.50 9.96 6.05
CA HIS B 258 26.66 9.08 5.96
C HIS B 258 27.94 9.91 6.20
N THR B 259 28.06 10.97 5.42
CA THR B 259 29.19 11.88 5.43
C THR B 259 29.46 12.45 6.82
N PHE B 260 28.40 12.87 7.52
CA PHE B 260 28.55 13.51 8.81
C PHE B 260 28.16 12.61 9.98
N ASN B 261 28.27 11.31 9.73
CA ASN B 261 28.35 10.34 10.80
C ASN B 261 27.13 10.33 11.70
N ALA B 262 25.95 10.39 11.08
CA ALA B 262 24.70 10.33 11.82
C ALA B 262 24.60 9.02 12.61
N HIS B 263 24.16 9.13 13.86
CA HIS B 263 24.00 7.99 14.76
C HIS B 263 22.61 7.35 14.74
N ALA B 264 21.59 8.13 14.34
CA ALA B 264 20.22 7.65 14.30
C ALA B 264 19.32 8.71 13.65
N ALA B 265 18.30 8.27 12.91
CA ALA B 265 17.32 9.20 12.38
C ALA B 265 15.94 8.59 12.24
N THR B 266 14.94 9.47 12.31
CA THR B 266 13.59 9.15 11.88
C THR B 266 13.08 10.30 11.00
N ASP B 267 11.87 10.19 10.43
CA ASP B 267 11.27 11.33 9.73
C ASP B 267 10.02 11.74 10.47
N ILE B 268 9.64 13.00 10.30
CA ILE B 268 8.49 13.53 11.02
C ILE B 268 7.27 13.55 10.10
N THR B 269 6.43 12.55 10.27
CA THR B 269 5.23 12.45 9.49
C THR B 269 3.99 12.50 10.43
N GLY B 270 3.08 11.53 10.32
CA GLY B 270 1.73 11.64 10.90
C GLY B 270 1.54 11.72 12.42
N PHE B 271 2.46 11.17 13.20
CA PHE B 271 2.35 11.27 14.66
C PHE B 271 2.92 12.58 15.26
N GLY B 272 3.40 13.49 14.43
CA GLY B 272 3.94 14.77 14.92
C GLY B 272 5.36 14.71 15.42
N ILE B 273 6.00 15.88 15.56
CA ILE B 273 7.41 15.93 15.95
C ILE B 273 7.69 15.12 17.22
N LEU B 274 6.75 15.15 18.18
CA LEU B 274 6.97 14.48 19.46
C LEU B 274 6.76 12.97 19.39
N GLY B 275 5.71 12.55 18.69
CA GLY B 275 5.39 11.12 18.59
C GLY B 275 6.55 10.39 17.94
N HIS B 276 7.07 10.96 16.87
CA HIS B 276 8.18 10.31 16.18
C HIS B 276 9.51 10.43 16.92
N ALA B 277 9.75 11.56 17.59
CA ALA B 277 10.90 11.72 18.47
C ALA B 277 10.92 10.61 19.56
N GLN B 278 9.79 10.42 20.23
CA GLN B 278 9.67 9.34 21.20
C GLN B 278 9.94 7.99 20.53
N ASN B 279 9.39 7.80 19.32
CA ASN B 279 9.56 6.52 18.65
C ASN B 279 11.01 6.23 18.31
N LEU B 280 11.75 7.26 17.94
CA LEU B 280 13.18 7.09 17.72
C LEU B 280 13.85 6.81 19.07
N ALA B 281 13.54 7.62 20.07
CA ALA B 281 14.15 7.45 21.40
C ALA B 281 14.12 6.02 21.95
N LYS B 282 12.99 5.30 21.77
CA LYS B 282 12.87 3.95 22.33
C LYS B 282 13.78 2.90 21.64
N GLN B 283 14.17 3.19 20.41
CA GLN B 283 15.02 2.29 19.64
C GLN B 283 16.51 2.37 20.01
N GLN B 284 16.90 3.34 20.83
CA GLN B 284 18.32 3.51 21.09
C GLN B 284 18.92 2.38 21.94
N ARG B 285 20.07 1.90 21.51
CA ARG B 285 20.78 0.86 22.24
C ARG B 285 21.30 1.44 23.57
N ASN B 286 21.77 2.68 23.54
CA ASN B 286 22.27 3.34 24.76
C ASN B 286 21.12 3.86 25.64
N GLU B 287 21.38 4.00 26.93
CA GLU B 287 20.37 4.56 27.81
C GLU B 287 20.38 6.09 27.70
N VAL B 288 19.73 6.58 26.63
CA VAL B 288 19.66 8.00 26.32
C VAL B 288 18.22 8.46 26.21
N SER B 289 18.03 9.77 26.31
CA SER B 289 16.74 10.40 26.08
C SER B 289 16.95 11.65 25.23
N PHE B 290 15.88 12.13 24.61
CA PHE B 290 15.97 13.36 23.84
C PHE B 290 15.21 14.51 24.51
N VAL B 291 15.79 15.70 24.51
CA VAL B 291 15.06 16.92 24.90
C VAL B 291 15.06 17.92 23.75
N ILE B 292 13.87 18.30 23.31
CA ILE B 292 13.70 19.27 22.22
C ILE B 292 13.47 20.65 22.83
N HIS B 293 14.33 21.60 22.46
CA HIS B 293 14.38 22.91 23.08
C HIS B 293 13.68 23.97 22.27
N ASN B 294 13.63 23.77 20.97
CA ASN B 294 12.91 24.69 20.11
C ASN B 294 12.32 23.98 18.91
N LEU B 295 11.43 24.67 18.21
CA LEU B 295 10.69 24.11 17.08
C LEU B 295 10.70 25.11 15.93
N PRO B 296 11.34 24.74 14.80
CA PRO B 296 11.13 25.54 13.58
C PRO B 296 9.71 25.29 13.08
N VAL B 297 8.97 26.37 12.82
CA VAL B 297 7.58 26.28 12.40
C VAL B 297 7.31 27.29 11.30
N LEU B 298 6.74 26.84 10.18
CA LEU B 298 6.22 27.75 9.17
C LEU B 298 5.54 28.96 9.84
N ALA B 299 6.00 30.16 9.47
CA ALA B 299 5.57 31.39 10.12
C ALA B 299 4.03 31.51 10.22
N LYS B 300 3.56 32.04 11.34
CA LYS B 300 2.14 32.30 11.57
C LYS B 300 1.35 31.05 11.97
N MET B 301 1.94 29.86 11.82
CA MET B 301 1.18 28.64 12.11
C MET B 301 1.07 28.29 13.59
N ALA B 302 2.05 28.66 14.40
CA ALA B 302 1.92 28.50 15.85
C ALA B 302 0.72 29.31 16.37
N ALA B 303 0.69 30.58 16.00
CA ALA B 303 -0.39 31.47 16.40
C ALA B 303 -1.73 30.93 15.94
N VAL B 304 -1.76 30.37 14.74
CA VAL B 304 -3.00 29.77 14.25
C VAL B 304 -3.38 28.57 15.12
N SER B 305 -2.44 27.65 15.32
CA SER B 305 -2.70 26.48 16.15
C SER B 305 -3.16 26.93 17.54
N LYS B 306 -2.37 27.83 18.13
CA LYS B 306 -2.70 28.44 19.42
C LYS B 306 -4.10 29.10 19.41
N ALA B 307 -4.46 29.76 18.31
CA ALA B 307 -5.81 30.34 18.16
C ALA B 307 -6.98 29.32 18.14
N CYS B 308 -6.69 28.06 17.81
CA CYS B 308 -7.74 27.04 17.71
C CYS B 308 -7.72 26.02 18.86
N GLY B 309 -7.30 26.47 20.02
CA GLY B 309 -7.32 25.63 21.21
C GLY B 309 -6.54 24.34 21.06
N ASN B 310 -7.23 23.23 21.33
CA ASN B 310 -6.61 21.92 21.30
C ASN B 310 -6.85 21.17 19.98
N MET B 311 -7.12 21.90 18.91
CA MET B 311 -7.43 21.27 17.62
C MET B 311 -6.22 20.65 16.95
N PHE B 312 -5.13 21.43 16.89
CA PHE B 312 -3.89 21.01 16.25
C PHE B 312 -2.87 20.58 17.28
N GLY B 313 -2.58 21.46 18.23
CA GLY B 313 -1.60 21.17 19.26
C GLY B 313 -0.19 21.30 18.71
N LEU B 314 -0.03 22.16 17.72
CA LEU B 314 1.26 22.35 17.07
C LEU B 314 2.33 22.71 18.10
N MET B 315 1.90 23.30 19.20
CA MET B 315 2.79 23.79 20.24
C MET B 315 3.35 22.66 21.12
N HIS B 316 2.62 21.55 21.18
CA HIS B 316 2.96 20.45 22.09
C HIS B 316 3.67 19.27 21.44
N GLY B 317 3.88 19.37 20.12
CA GLY B 317 4.60 18.35 19.38
C GLY B 317 3.69 17.23 18.90
N THR B 318 2.38 17.40 19.06
CA THR B 318 1.46 16.29 18.81
C THR B 318 0.63 16.41 17.54
N CYS B 319 0.78 17.51 16.82
CA CYS B 319 0.08 17.71 15.55
C CYS B 319 0.71 16.94 14.40
N PRO B 320 -0.13 16.28 13.57
CA PRO B 320 0.38 15.54 12.40
C PRO B 320 1.26 16.40 11.50
N GLU B 321 2.37 15.83 11.03
CA GLU B 321 3.05 16.35 9.84
C GLU B 321 2.78 15.37 8.70
N THR B 322 2.88 15.85 7.48
CA THR B 322 2.89 14.97 6.32
C THR B 322 4.20 15.20 5.57
N SER B 323 4.92 14.12 5.31
CA SER B 323 6.15 14.23 4.55
C SER B 323 7.00 15.33 5.13
N GLY B 324 7.23 15.26 6.45
CA GLY B 324 8.09 16.21 7.09
C GLY B 324 9.55 15.88 6.84
N GLY B 325 10.43 16.48 7.63
CA GLY B 325 11.86 16.28 7.42
C GLY B 325 12.46 15.17 8.29
N LEU B 326 13.75 14.93 8.14
CA LEU B 326 14.45 13.98 8.99
C LEU B 326 14.82 14.61 10.34
N LEU B 327 14.60 13.86 11.42
CA LEU B 327 15.10 14.18 12.74
C LEU B 327 16.31 13.29 13.00
N ILE B 328 17.48 13.91 13.13
CA ILE B 328 18.77 13.20 13.09
C ILE B 328 19.60 13.39 14.36
N CYS B 329 20.11 12.28 14.89
CA CYS B 329 21.09 12.32 15.98
C CYS B 329 22.50 12.40 15.40
N LEU B 330 23.13 13.56 15.54
CA LEU B 330 24.46 13.80 14.97
C LEU B 330 25.45 14.03 16.08
N PRO B 331 26.73 13.69 15.84
CA PRO B 331 27.77 14.13 16.76
C PRO B 331 27.71 15.65 16.90
N ARG B 332 27.85 16.11 18.14
CA ARG B 332 27.83 17.53 18.43
C ARG B 332 28.70 18.30 17.44
N GLU B 333 29.85 17.76 17.08
CA GLU B 333 30.81 18.44 16.20
C GLU B 333 30.55 18.30 14.68
N GLN B 334 29.66 17.38 14.31
CA GLN B 334 29.27 17.14 12.91
C GLN B 334 27.95 17.82 12.59
N ALA B 335 27.32 18.35 13.63
CA ALA B 335 25.99 18.94 13.52
C ALA B 335 26.01 20.17 12.63
N ALA B 336 26.92 21.11 12.93
CA ALA B 336 27.00 22.37 12.21
C ALA B 336 27.50 22.22 10.76
N ARG B 337 28.46 21.31 10.55
CA ARG B 337 28.95 20.98 9.22
C ARG B 337 27.82 20.45 8.34
N PHE B 338 27.01 19.54 8.91
CA PHE B 338 25.80 19.00 8.27
C PHE B 338 24.81 20.09 7.84
N CYS B 339 24.45 20.98 8.78
CA CYS B 339 23.55 22.09 8.51
C CYS B 339 24.12 22.99 7.40
N ALA B 340 25.38 23.38 7.56
CA ALA B 340 26.10 24.18 6.56
C ALA B 340 25.93 23.60 5.17
N GLU B 341 26.30 22.33 5.08
CA GLU B 341 26.31 21.59 3.83
C GLU B 341 24.91 21.49 3.21
N ILE B 342 23.91 21.15 4.02
CA ILE B 342 22.60 20.88 3.45
C ILE B 342 22.02 22.20 2.92
N LYS B 343 22.24 23.28 3.66
CA LYS B 343 21.71 24.59 3.30
C LYS B 343 22.46 25.22 2.13
N SER B 344 23.78 25.13 2.15
CA SER B 344 24.54 25.67 1.04
C SER B 344 25.34 24.63 0.28
N PRO B 345 24.69 23.91 -0.62
CA PRO B 345 25.48 23.00 -1.47
C PRO B 345 26.04 23.71 -2.71
N GLU B 349 21.30 26.10 -3.32
CA GLU B 349 20.91 24.81 -3.90
C GLU B 349 20.08 23.97 -2.91
N GLY B 350 20.35 24.17 -1.62
CA GLY B 350 19.76 23.37 -0.55
C GLY B 350 18.83 24.14 0.36
N HIS B 351 18.41 23.49 1.44
CA HIS B 351 17.42 24.03 2.37
C HIS B 351 17.99 23.98 3.77
N GLN B 352 17.85 25.08 4.51
CA GLN B 352 18.41 25.13 5.85
C GLN B 352 17.86 24.01 6.76
N ALA B 353 18.70 23.54 7.68
CA ALA B 353 18.29 22.60 8.71
C ALA B 353 18.43 23.30 10.04
N TRP B 354 17.83 22.74 11.10
CA TRP B 354 17.91 23.34 12.43
C TRP B 354 18.32 22.34 13.49
N ILE B 355 19.14 22.79 14.42
CA ILE B 355 19.43 22.00 15.61
C ILE B 355 18.40 22.33 16.67
N ILE B 356 17.57 21.35 17.04
CA ILE B 356 16.40 21.65 17.86
C ILE B 356 16.52 21.13 19.28
N GLY B 357 17.50 20.28 19.53
CA GLY B 357 17.62 19.69 20.85
C GLY B 357 18.84 18.82 21.04
N ILE B 358 18.82 18.06 22.13
CA ILE B 358 19.98 17.35 22.60
C ILE B 358 19.59 15.94 23.00
N VAL B 359 20.54 15.02 22.95
CA VAL B 359 20.34 13.73 23.59
C VAL B 359 21.16 13.67 24.90
N GLU B 360 20.58 13.04 25.91
CA GLU B 360 21.12 13.06 27.26
C GLU B 360 21.17 11.65 27.76
N LYS B 361 21.99 11.41 28.79
CA LYS B 361 21.84 10.21 29.58
C LYS B 361 20.38 10.22 30.02
N GLY B 362 19.65 9.13 29.75
CA GLY B 362 18.22 9.07 30.06
C GLY B 362 17.59 7.70 29.88
N ASN B 363 16.27 7.63 29.93
CA ASN B 363 15.58 6.35 29.94
C ASN B 363 14.92 5.93 28.62
N ARG B 364 15.37 6.48 27.50
CA ARG B 364 14.81 6.15 26.18
C ARG B 364 13.43 6.80 25.96
N THR B 365 13.28 8.01 26.46
CA THR B 365 12.07 8.78 26.20
C THR B 365 12.40 10.12 25.56
N ALA B 366 11.37 10.77 25.05
CA ALA B 366 11.56 12.09 24.45
C ALA B 366 10.60 13.13 25.06
N ARG B 367 11.09 14.35 25.22
CA ARG B 367 10.21 15.45 25.63
C ARG B 367 10.61 16.76 24.96
N ILE B 368 9.62 17.63 24.75
CA ILE B 368 9.85 19.03 24.43
C ILE B 368 9.74 19.77 25.76
N ILE B 369 10.68 20.66 26.07
CA ILE B 369 10.59 21.45 27.30
C ILE B 369 9.24 22.18 27.35
N ASP B 370 8.83 22.63 28.55
CA ASP B 370 7.49 23.22 28.78
C ASP B 370 7.19 24.43 27.92
N LYS B 371 8.18 25.31 27.79
CA LYS B 371 8.06 26.51 26.99
C LYS B 371 9.14 26.51 25.89
N PRO B 372 8.87 25.79 24.78
CA PRO B 372 9.90 25.65 23.74
C PRO B 372 10.06 26.98 23.04
N ARG B 373 11.24 27.27 22.50
CA ARG B 373 11.40 28.45 21.65
C ARG B 373 10.93 28.24 20.22
N ILE B 374 9.99 29.09 19.78
CA ILE B 374 9.50 29.04 18.41
C ILE B 374 10.40 29.84 17.47
N ILE B 375 11.02 29.13 16.54
CA ILE B 375 11.77 29.76 15.48
C ILE B 375 10.79 29.94 14.32
N GLU B 376 10.30 31.17 14.16
CA GLU B 376 9.36 31.46 13.08
C GLU B 376 10.09 31.42 11.76
N VAL B 377 9.63 30.54 10.87
CA VAL B 377 10.31 30.30 9.60
C VAL B 377 9.55 30.94 8.43
N ALA B 378 10.22 31.86 7.73
CA ALA B 378 9.64 32.58 6.58
C ALA B 378 10.18 32.05 5.23
N PRO B 379 9.32 32.08 4.19
CA PRO B 379 9.65 31.55 2.84
C PRO B 379 10.96 32.08 2.26
#